data_2LAZ
#
_entry.id   2LAZ
#
loop_
_entity.id
_entity.type
_entity.pdbx_description
1 polymer 'E3 ubiquitin-protein ligase SMURF1'
2 polymer 'Mothers against decapentaplegic homolog 1'
#
loop_
_entity_poly.entity_id
_entity_poly.type
_entity_poly.pdbx_seq_one_letter_code
_entity_poly.pdbx_strand_id
1 'polypeptide(L)' ELPEGYEQRTTVQGQVYFLHTQTGVSTWHDPRI A
2 'polypeptide(L)' SDPG(SEP)PFQ B
#
# COMPACT_ATOMS: atom_id res chain seq x y z
N GLU A 1 8.10 -9.74 3.81
CA GLU A 1 7.20 -10.51 2.93
C GLU A 1 5.76 -10.32 3.38
N LEU A 2 4.89 -10.05 2.43
CA LEU A 2 3.48 -9.80 2.73
C LEU A 2 2.65 -11.00 2.33
N PRO A 3 1.40 -11.07 2.81
CA PRO A 3 0.42 -12.00 2.25
C PRO A 3 0.02 -11.55 0.86
N GLU A 4 -0.65 -12.45 0.18
CA GLU A 4 -0.98 -12.24 -1.22
C GLU A 4 -2.04 -11.14 -1.39
N GLY A 5 -1.87 -10.36 -2.46
CA GLY A 5 -2.81 -9.30 -2.76
C GLY A 5 -2.32 -7.92 -2.34
N TYR A 6 -1.09 -7.82 -1.87
CA TYR A 6 -0.55 -6.53 -1.44
C TYR A 6 0.49 -6.00 -2.40
N GLU A 7 0.17 -4.87 -3.02
CA GLU A 7 1.08 -4.17 -3.90
C GLU A 7 1.89 -3.16 -3.09
N GLN A 8 3.19 -3.40 -3.00
CA GLN A 8 4.07 -2.52 -2.25
C GLN A 8 4.63 -1.45 -3.17
N ARG A 9 4.09 -0.25 -3.06
CA ARG A 9 4.49 0.82 -3.96
C ARG A 9 5.30 1.89 -3.26
N THR A 10 6.17 2.49 -4.05
CA THR A 10 7.11 3.49 -3.60
C THR A 10 6.95 4.75 -4.41
N THR A 11 6.19 5.69 -3.89
CA THR A 11 5.86 6.90 -4.60
C THR A 11 6.88 8.00 -4.35
N VAL A 12 7.05 8.87 -5.35
CA VAL A 12 7.91 10.05 -5.25
C VAL A 12 7.59 10.89 -4.01
N GLN A 13 6.39 10.69 -3.46
CA GLN A 13 6.01 11.25 -2.16
C GLN A 13 7.07 10.96 -1.11
N GLY A 14 7.81 9.87 -1.31
CA GLY A 14 8.89 9.52 -0.41
C GLY A 14 8.45 8.56 0.68
N GLN A 15 7.33 7.90 0.45
CA GLN A 15 6.72 7.04 1.46
C GLN A 15 6.28 5.72 0.85
N VAL A 16 6.42 4.66 1.62
CA VAL A 16 5.96 3.34 1.21
C VAL A 16 4.52 3.13 1.65
N TYR A 17 3.73 2.47 0.81
CA TYR A 17 2.35 2.24 1.14
C TYR A 17 1.86 0.92 0.55
N PHE A 18 1.02 0.23 1.29
CA PHE A 18 0.55 -1.09 0.90
C PHE A 18 -0.81 -1.05 0.24
N LEU A 19 -0.83 -1.49 -1.00
CA LEU A 19 -2.03 -1.47 -1.82
C LEU A 19 -2.66 -2.84 -1.94
N HIS A 20 -3.72 -3.08 -1.21
CA HIS A 20 -4.55 -4.25 -1.45
C HIS A 20 -5.89 -3.77 -1.95
N THR A 21 -6.05 -3.63 -3.25
CA THR A 21 -7.34 -3.16 -3.68
C THR A 21 -8.22 -4.35 -3.99
N GLN A 22 -8.89 -4.79 -2.95
CA GLN A 22 -10.18 -5.44 -3.02
C GLN A 22 -11.19 -4.39 -2.63
N THR A 23 -10.92 -3.84 -1.46
CA THR A 23 -11.74 -2.83 -0.82
C THR A 23 -11.22 -1.46 -1.09
N GLY A 24 -10.07 -1.56 -1.55
CA GLY A 24 -9.19 -0.44 -1.77
C GLY A 24 -8.36 -0.10 -0.54
N VAL A 25 -7.38 -0.93 -0.24
CA VAL A 25 -6.46 -0.65 0.88
C VAL A 25 -5.25 0.15 0.45
N SER A 26 -5.07 1.27 1.13
CA SER A 26 -3.84 2.05 1.08
C SER A 26 -3.44 2.36 2.51
N THR A 27 -2.47 1.65 3.02
CA THR A 27 -2.16 1.72 4.44
C THR A 27 -0.67 1.88 4.70
N TRP A 28 -0.37 2.55 5.81
CA TRP A 28 1.00 2.74 6.25
C TRP A 28 1.55 1.48 6.91
N HIS A 29 0.66 0.67 7.47
CA HIS A 29 1.10 -0.50 8.22
C HIS A 29 1.25 -1.70 7.29
N ASP A 30 2.39 -2.38 7.39
CA ASP A 30 2.56 -3.66 6.71
C ASP A 30 1.45 -4.58 7.18
N PRO A 31 0.67 -5.14 6.26
CA PRO A 31 -0.46 -5.97 6.64
C PRO A 31 -0.05 -7.29 7.24
N ARG A 32 1.21 -7.63 7.07
CA ARG A 32 1.78 -8.78 7.71
C ARG A 32 2.03 -8.46 9.17
N ILE A 33 1.92 -7.18 9.49
CA ILE A 33 2.11 -6.72 10.87
C ILE A 33 0.84 -6.05 11.41
N SER B 1 -5.99 3.59 -13.17
CA SER B 1 -4.57 3.79 -13.56
C SER B 1 -3.81 4.59 -12.50
N ASP B 2 -4.52 5.05 -11.48
CA ASP B 2 -3.90 5.85 -10.43
C ASP B 2 -4.33 5.35 -9.06
N PRO B 3 -3.37 4.91 -8.23
CA PRO B 3 -3.64 4.53 -6.85
C PRO B 3 -3.51 5.72 -5.91
N GLY B 4 -4.11 5.61 -4.74
CA GLY B 4 -4.07 6.70 -3.79
C GLY B 4 -2.88 6.63 -2.87
N PRO B 6 -0.91 7.63 0.83
CA PRO B 6 -1.22 7.70 2.25
C PRO B 6 -0.96 9.08 2.82
N PHE B 7 -1.85 9.55 3.66
CA PHE B 7 -1.72 10.87 4.24
C PHE B 7 -0.94 10.80 5.53
N GLN B 8 0.22 11.44 5.56
CA GLN B 8 1.06 11.46 6.74
C GLN B 8 1.39 12.89 7.11
N GLU A 1 7.42 -11.47 4.79
CA GLU A 1 6.59 -11.54 3.57
C GLU A 1 5.20 -10.95 3.84
N LEU A 2 4.33 -11.02 2.83
CA LEU A 2 2.97 -10.53 2.96
C LEU A 2 2.00 -11.58 2.46
N PRO A 3 0.71 -11.45 2.81
CA PRO A 3 -0.35 -12.22 2.15
C PRO A 3 -0.55 -11.75 0.72
N GLU A 4 -1.34 -12.51 0.02
CA GLU A 4 -1.54 -12.31 -1.41
C GLU A 4 -2.31 -11.01 -1.71
N GLY A 5 -1.79 -10.26 -2.68
CA GLY A 5 -2.47 -9.07 -3.16
C GLY A 5 -1.94 -7.77 -2.58
N TYR A 6 -0.66 -7.73 -2.23
CA TYR A 6 -0.07 -6.49 -1.70
C TYR A 6 1.04 -5.99 -2.61
N GLU A 7 0.88 -4.75 -3.06
CA GLU A 7 1.93 -4.07 -3.80
C GLU A 7 2.36 -2.82 -3.06
N GLN A 8 3.63 -2.77 -2.69
CA GLN A 8 4.17 -1.62 -2.01
C GLN A 8 4.70 -0.64 -3.05
N ARG A 9 4.03 0.48 -3.19
CA ARG A 9 4.38 1.44 -4.22
C ARG A 9 5.27 2.54 -3.71
N THR A 10 6.10 3.03 -4.60
CA THR A 10 7.08 4.03 -4.30
C THR A 10 6.72 5.35 -4.99
N THR A 11 6.10 6.23 -4.22
CA THR A 11 5.74 7.55 -4.69
C THR A 11 6.85 8.54 -4.41
N VAL A 12 6.95 9.57 -5.25
CA VAL A 12 7.92 10.65 -5.06
C VAL A 12 7.85 11.22 -3.64
N GLN A 13 6.73 10.95 -2.96
CA GLN A 13 6.57 11.27 -1.54
C GLN A 13 7.74 10.73 -0.72
N GLY A 14 8.33 9.65 -1.20
CA GLY A 14 9.43 9.03 -0.49
C GLY A 14 8.95 8.15 0.64
N GLN A 15 7.70 7.72 0.54
CA GLN A 15 7.06 6.95 1.60
C GLN A 15 6.59 5.61 1.04
N VAL A 16 6.68 4.56 1.84
CA VAL A 16 6.20 3.25 1.45
C VAL A 16 4.74 3.09 1.84
N TYR A 17 3.92 2.61 0.93
CA TYR A 17 2.50 2.49 1.20
C TYR A 17 1.96 1.18 0.61
N PHE A 18 1.25 0.42 1.43
CA PHE A 18 0.80 -0.90 1.04
C PHE A 18 -0.56 -0.87 0.37
N LEU A 19 -0.56 -1.27 -0.89
CA LEU A 19 -1.77 -1.39 -1.67
C LEU A 19 -2.27 -2.83 -1.70
N HIS A 20 -3.52 -3.00 -1.33
CA HIS A 20 -4.22 -4.24 -1.57
C HIS A 20 -5.57 -3.90 -2.12
N THR A 21 -5.70 -3.79 -3.43
CA THR A 21 -7.01 -3.46 -3.91
C THR A 21 -7.77 -4.73 -4.25
N GLN A 22 -8.43 -5.23 -3.23
CA GLN A 22 -9.64 -6.00 -3.33
C GLN A 22 -10.76 -5.05 -2.97
N THR A 23 -10.56 -4.49 -1.77
CA THR A 23 -11.48 -3.54 -1.17
C THR A 23 -11.03 -2.14 -1.33
N GLY A 24 -9.85 -2.14 -1.70
CA GLY A 24 -9.04 -0.94 -1.82
C GLY A 24 -8.29 -0.58 -0.54
N VAL A 25 -7.28 -1.36 -0.20
CA VAL A 25 -6.40 -1.02 0.93
C VAL A 25 -5.22 -0.18 0.47
N SER A 26 -5.04 0.93 1.18
CA SER A 26 -3.84 1.76 1.06
C SER A 26 -3.49 2.30 2.44
N THR A 27 -2.42 1.78 3.02
CA THR A 27 -2.08 2.09 4.40
C THR A 27 -0.58 2.07 4.64
N TRP A 28 -0.14 2.89 5.60
CA TRP A 28 1.25 2.95 6.00
C TRP A 28 1.70 1.66 6.67
N HIS A 29 0.77 0.97 7.33
CA HIS A 29 1.14 -0.18 8.13
C HIS A 29 1.23 -1.43 7.27
N ASP A 30 2.30 -2.18 7.46
CA ASP A 30 2.45 -3.47 6.83
C ASP A 30 1.26 -4.34 7.21
N PRO A 31 0.59 -4.95 6.24
CA PRO A 31 -0.63 -5.71 6.50
C PRO A 31 -0.38 -7.06 7.13
N ARG A 32 0.86 -7.49 7.08
CA ARG A 32 1.26 -8.72 7.73
C ARG A 32 1.43 -8.46 9.21
N ILE A 33 1.36 -7.19 9.54
CA ILE A 33 1.49 -6.74 10.93
C ILE A 33 0.26 -7.16 11.72
N SER B 1 -7.59 4.38 -13.73
CA SER B 1 -6.86 3.38 -12.92
C SER B 1 -5.62 4.01 -12.28
N ASP B 2 -5.78 4.47 -11.04
CA ASP B 2 -4.69 5.10 -10.33
C ASP B 2 -4.84 4.88 -8.82
N PRO B 3 -3.74 4.53 -8.15
CA PRO B 3 -3.72 4.31 -6.70
C PRO B 3 -3.40 5.58 -5.93
N GLY B 4 -4.11 5.78 -4.83
CA GLY B 4 -3.92 6.96 -4.03
C GLY B 4 -2.86 6.75 -2.98
N PRO B 6 -0.70 7.74 0.63
CA PRO B 6 -1.02 8.04 2.02
C PRO B 6 -0.45 9.38 2.48
N PHE B 7 -1.16 10.05 3.37
CA PHE B 7 -0.66 11.27 3.97
C PHE B 7 -0.57 11.11 5.48
N GLN B 8 0.24 11.94 6.10
CA GLN B 8 0.49 11.85 7.54
C GLN B 8 -0.71 12.36 8.33
N GLU A 1 7.67 -10.82 3.99
CA GLU A 1 6.71 -11.69 3.28
C GLU A 1 5.28 -11.30 3.66
N LEU A 2 4.51 -10.81 2.71
CA LEU A 2 3.14 -10.40 2.98
C LEU A 2 2.19 -11.46 2.45
N PRO A 3 0.91 -11.37 2.79
CA PRO A 3 -0.14 -12.17 2.14
C PRO A 3 -0.33 -11.68 0.72
N GLU A 4 -0.98 -12.51 -0.07
CA GLU A 4 -1.16 -12.22 -1.48
C GLU A 4 -2.13 -11.07 -1.70
N GLY A 5 -1.88 -10.30 -2.74
CA GLY A 5 -2.74 -9.19 -3.08
C GLY A 5 -2.23 -7.84 -2.62
N TYR A 6 -1.04 -7.81 -2.04
CA TYR A 6 -0.45 -6.53 -1.59
C TYR A 6 0.70 -6.14 -2.50
N GLU A 7 0.62 -4.94 -3.07
CA GLU A 7 1.75 -4.38 -3.79
C GLU A 7 2.31 -3.19 -3.00
N GLN A 8 3.62 -3.19 -2.81
CA GLN A 8 4.28 -2.13 -2.07
C GLN A 8 4.68 -1.02 -3.04
N ARG A 9 4.05 0.13 -2.93
CA ARG A 9 4.34 1.22 -3.85
C ARG A 9 5.15 2.31 -3.22
N THR A 10 5.99 2.88 -4.04
CA THR A 10 6.88 3.94 -3.63
C THR A 10 6.63 5.18 -4.48
N THR A 11 5.78 6.05 -3.97
CA THR A 11 5.40 7.28 -4.65
C THR A 11 6.35 8.41 -4.26
N VAL A 12 6.53 9.35 -5.20
CA VAL A 12 7.47 10.47 -5.07
C VAL A 12 7.44 11.15 -3.69
N GLN A 13 6.30 11.06 -2.99
CA GLN A 13 6.19 11.63 -1.64
C GLN A 13 7.28 11.10 -0.70
N GLY A 14 7.89 9.97 -1.07
CA GLY A 14 9.01 9.43 -0.32
C GLY A 14 8.56 8.52 0.80
N GLN A 15 7.40 7.90 0.63
CA GLN A 15 6.83 7.04 1.66
C GLN A 15 6.21 5.80 1.00
N VAL A 16 6.40 4.65 1.63
CA VAL A 16 5.86 3.40 1.11
C VAL A 16 4.46 3.15 1.66
N TYR A 17 3.59 2.61 0.82
CA TYR A 17 2.21 2.34 1.20
C TYR A 17 1.75 1.04 0.58
N PHE A 18 1.01 0.26 1.34
CA PHE A 18 0.60 -1.07 0.89
C PHE A 18 -0.76 -1.05 0.21
N LEU A 19 -0.78 -1.45 -1.05
CA LEU A 19 -1.99 -1.51 -1.83
C LEU A 19 -2.51 -2.93 -1.93
N HIS A 20 -3.69 -3.14 -1.39
CA HIS A 20 -4.42 -4.39 -1.59
C HIS A 20 -5.82 -4.04 -2.00
N THR A 21 -6.08 -3.90 -3.28
CA THR A 21 -7.42 -3.54 -3.62
C THR A 21 -8.25 -4.78 -3.90
N GLN A 22 -8.82 -5.28 -2.82
CA GLN A 22 -10.07 -5.98 -2.82
C GLN A 22 -11.11 -5.00 -2.34
N THR A 23 -10.76 -4.42 -1.18
CA THR A 23 -11.58 -3.43 -0.50
C THR A 23 -11.13 -2.06 -0.80
N GLY A 24 -10.01 -2.10 -1.33
CA GLY A 24 -9.19 -0.94 -1.61
C GLY A 24 -8.33 -0.51 -0.44
N VAL A 25 -7.31 -1.30 -0.14
CA VAL A 25 -6.37 -0.96 0.92
C VAL A 25 -5.18 -0.15 0.42
N SER A 26 -4.99 0.99 1.06
CA SER A 26 -3.77 1.80 0.92
C SER A 26 -3.40 2.30 2.30
N THR A 27 -2.41 1.67 2.91
CA THR A 27 -2.14 1.88 4.32
C THR A 27 -0.65 1.99 4.61
N TRP A 28 -0.32 2.76 5.65
CA TRP A 28 1.05 2.96 6.07
C TRP A 28 1.62 1.70 6.73
N HIS A 29 0.77 0.95 7.42
CA HIS A 29 1.24 -0.22 8.16
C HIS A 29 1.36 -1.42 7.24
N ASP A 30 2.46 -2.14 7.35
CA ASP A 30 2.62 -3.39 6.63
C ASP A 30 1.47 -4.32 7.00
N PRO A 31 0.83 -4.94 6.03
CA PRO A 31 -0.39 -5.70 6.28
C PRO A 31 -0.14 -7.03 6.93
N ARG A 32 1.10 -7.45 6.90
CA ARG A 32 1.49 -8.65 7.56
C ARG A 32 1.71 -8.33 9.03
N ILE A 33 1.65 -7.04 9.31
CA ILE A 33 1.74 -6.55 10.68
C ILE A 33 0.49 -5.74 11.05
N SER B 1 -4.41 2.53 -14.07
CA SER B 1 -5.22 2.90 -12.90
C SER B 1 -4.36 3.60 -11.85
N ASP B 2 -4.74 4.83 -11.51
CA ASP B 2 -3.94 5.63 -10.60
C ASP B 2 -4.36 5.42 -9.15
N PRO B 3 -3.44 4.92 -8.32
CA PRO B 3 -3.65 4.82 -6.89
C PRO B 3 -3.18 6.06 -6.16
N GLY B 4 -3.86 6.42 -5.10
CA GLY B 4 -3.50 7.61 -4.36
C GLY B 4 -2.49 7.31 -3.29
N PRO B 6 -0.67 7.94 0.58
CA PRO B 6 -1.09 8.06 1.98
C PRO B 6 -0.62 9.38 2.57
N PHE B 7 -1.37 9.90 3.52
CA PHE B 7 -1.03 11.16 4.14
C PHE B 7 -0.55 10.93 5.57
N GLN B 8 0.69 11.29 5.82
CA GLN B 8 1.25 11.19 7.16
C GLN B 8 1.43 12.58 7.74
N GLU A 1 8.22 -9.83 3.13
CA GLU A 1 7.30 -10.79 2.47
C GLU A 1 5.91 -10.68 3.06
N LEU A 2 4.99 -10.14 2.29
CA LEU A 2 3.61 -9.97 2.74
C LEU A 2 2.76 -11.14 2.26
N PRO A 3 1.50 -11.22 2.71
CA PRO A 3 0.51 -12.09 2.07
C PRO A 3 0.15 -11.54 0.70
N GLU A 4 -0.42 -12.40 -0.12
CA GLU A 4 -0.74 -12.05 -1.50
C GLU A 4 -1.87 -11.05 -1.57
N GLY A 5 -1.86 -10.22 -2.60
CA GLY A 5 -2.85 -9.18 -2.75
C GLY A 5 -2.33 -7.82 -2.32
N TYR A 6 -1.23 -7.79 -1.60
CA TYR A 6 -0.62 -6.52 -1.20
C TYR A 6 0.45 -6.11 -2.18
N GLU A 7 0.21 -4.99 -2.84
CA GLU A 7 1.17 -4.39 -3.74
C GLU A 7 1.97 -3.34 -2.98
N GLN A 8 3.26 -3.56 -2.85
CA GLN A 8 4.10 -2.58 -2.19
C GLN A 8 4.62 -1.60 -3.21
N ARG A 9 3.95 -0.48 -3.30
CA ARG A 9 4.33 0.55 -4.25
C ARG A 9 5.11 1.65 -3.59
N THR A 10 5.98 2.23 -4.37
CA THR A 10 6.85 3.29 -3.92
C THR A 10 6.54 4.55 -4.70
N THR A 11 6.31 5.65 -4.00
CA THR A 11 5.88 6.88 -4.63
C THR A 11 6.92 7.96 -4.47
N VAL A 12 6.97 8.88 -5.43
CA VAL A 12 7.91 9.99 -5.45
C VAL A 12 7.77 10.85 -4.18
N GLN A 13 6.65 10.68 -3.47
CA GLN A 13 6.42 11.36 -2.19
C GLN A 13 7.48 10.96 -1.17
N GLY A 14 8.12 9.82 -1.42
CA GLY A 14 9.17 9.34 -0.54
C GLY A 14 8.62 8.46 0.56
N GLN A 15 7.63 7.65 0.21
CA GLN A 15 6.96 6.81 1.20
C GLN A 15 6.47 5.52 0.57
N VAL A 16 6.62 4.42 1.30
CA VAL A 16 6.06 3.14 0.90
C VAL A 16 4.65 3.01 1.45
N TYR A 17 3.74 2.55 0.62
CA TYR A 17 2.36 2.38 1.05
C TYR A 17 1.81 1.05 0.54
N PHE A 18 1.07 0.36 1.40
CA PHE A 18 0.61 -0.98 1.07
C PHE A 18 -0.73 -0.96 0.38
N LEU A 19 -0.73 -1.47 -0.84
CA LEU A 19 -1.88 -1.40 -1.72
C LEU A 19 -2.52 -2.76 -1.93
N HIS A 20 -3.66 -2.97 -1.32
CA HIS A 20 -4.46 -4.15 -1.62
C HIS A 20 -5.76 -3.69 -2.24
N THR A 21 -5.85 -3.66 -3.55
CA THR A 21 -7.09 -3.20 -4.11
C THR A 21 -8.00 -4.38 -4.39
N GLN A 22 -8.75 -4.72 -3.38
CA GLN A 22 -10.09 -5.24 -3.49
C GLN A 22 -11.02 -4.09 -3.18
N THR A 23 -10.71 -3.47 -2.04
CA THR A 23 -11.46 -2.36 -1.50
C THR A 23 -10.83 -1.05 -1.79
N GLY A 24 -9.67 -1.25 -2.18
CA GLY A 24 -8.69 -0.21 -2.35
C GLY A 24 -8.00 0.15 -1.05
N VAL A 25 -7.08 -0.70 -0.62
CA VAL A 25 -6.30 -0.43 0.59
C VAL A 25 -5.04 0.35 0.29
N SER A 26 -4.92 1.47 0.96
CA SER A 26 -3.71 2.27 0.95
C SER A 26 -3.40 2.69 2.38
N THR A 27 -2.51 1.95 3.04
CA THR A 27 -2.29 2.12 4.46
C THR A 27 -0.81 2.15 4.80
N TRP A 28 -0.49 2.88 5.87
CA TRP A 28 0.87 2.95 6.37
C TRP A 28 1.32 1.66 7.04
N HIS A 29 0.38 0.94 7.64
CA HIS A 29 0.74 -0.24 8.41
C HIS A 29 0.96 -1.42 7.47
N ASP A 30 2.07 -2.09 7.65
CA ASP A 30 2.31 -3.35 6.96
C ASP A 30 1.26 -4.34 7.41
N PRO A 31 0.54 -4.97 6.49
CA PRO A 31 -0.52 -5.90 6.85
C PRO A 31 0.00 -7.18 7.47
N ARG A 32 1.29 -7.41 7.34
CA ARG A 32 1.92 -8.53 7.98
C ARG A 32 2.21 -8.18 9.43
N ILE A 33 1.95 -6.93 9.75
CA ILE A 33 2.11 -6.42 11.11
C ILE A 33 0.83 -5.79 11.65
N SER B 1 -6.43 3.57 -13.22
CA SER B 1 -5.38 2.73 -12.62
C SER B 1 -4.58 3.52 -11.57
N ASP B 2 -5.15 4.63 -11.12
CA ASP B 2 -4.44 5.55 -10.23
C ASP B 2 -4.67 5.18 -8.78
N PRO B 3 -3.59 4.85 -8.04
CA PRO B 3 -3.68 4.51 -6.62
C PRO B 3 -3.53 5.73 -5.73
N GLY B 4 -4.19 5.69 -4.57
CA GLY B 4 -4.13 6.80 -3.64
C GLY B 4 -2.99 6.67 -2.66
N PRO B 6 -0.87 7.77 0.97
CA PRO B 6 -1.22 7.79 2.41
C PRO B 6 -1.01 9.16 3.07
N PHE B 7 -1.95 9.54 3.91
CA PHE B 7 -1.83 10.76 4.70
C PHE B 7 -1.28 10.42 6.07
N GLN B 8 -0.22 11.10 6.48
CA GLN B 8 0.42 10.83 7.76
C GLN B 8 -0.39 11.41 8.91
N GLU A 1 7.45 -10.64 4.68
CA GLU A 1 6.59 -11.10 3.55
C GLU A 1 5.14 -10.78 3.83
N LEU A 2 4.37 -10.58 2.78
CA LEU A 2 2.95 -10.26 2.93
C LEU A 2 2.11 -11.40 2.37
N PRO A 3 0.81 -11.38 2.64
CA PRO A 3 -0.15 -12.20 1.90
C PRO A 3 -0.28 -11.69 0.48
N GLU A 4 -0.86 -12.53 -0.35
CA GLU A 4 -0.91 -12.26 -1.78
C GLU A 4 -1.85 -11.09 -2.09
N GLY A 5 -1.38 -10.21 -2.98
CA GLY A 5 -2.17 -9.07 -3.40
C GLY A 5 -1.80 -7.76 -2.72
N TYR A 6 -0.59 -7.66 -2.18
CA TYR A 6 -0.14 -6.40 -1.61
C TYR A 6 0.98 -5.78 -2.43
N GLU A 7 0.70 -4.65 -3.04
CA GLU A 7 1.69 -3.90 -3.78
C GLU A 7 2.24 -2.78 -2.90
N GLN A 8 3.53 -2.81 -2.64
CA GLN A 8 4.17 -1.75 -1.88
C GLN A 8 4.63 -0.69 -2.87
N ARG A 9 3.94 0.44 -2.87
CA ARG A 9 4.20 1.44 -3.89
C ARG A 9 5.12 2.54 -3.41
N THR A 10 6.07 2.80 -4.26
CA THR A 10 7.03 3.85 -4.03
C THR A 10 6.64 5.07 -4.84
N THR A 11 5.84 5.91 -4.23
CA THR A 11 5.30 7.09 -4.87
C THR A 11 6.17 8.31 -4.56
N VAL A 12 6.18 9.27 -5.49
CA VAL A 12 7.04 10.46 -5.45
C VAL A 12 7.17 11.08 -4.03
N GLN A 13 6.12 10.95 -3.21
CA GLN A 13 6.15 11.47 -1.84
C GLN A 13 7.33 10.89 -1.03
N GLY A 14 7.86 9.74 -1.49
CA GLY A 14 9.02 9.15 -0.84
C GLY A 14 8.67 8.37 0.42
N GLN A 15 7.53 7.69 0.40
CA GLN A 15 7.09 6.90 1.54
C GLN A 15 6.58 5.54 1.06
N VAL A 16 6.73 4.52 1.90
CA VAL A 16 6.24 3.19 1.56
C VAL A 16 4.80 3.00 2.03
N TYR A 17 3.95 2.56 1.12
CA TYR A 17 2.55 2.38 1.45
C TYR A 17 2.03 1.09 0.84
N PHE A 18 1.32 0.31 1.64
CA PHE A 18 0.86 -1.01 1.20
C PHE A 18 -0.51 -0.91 0.55
N LEU A 19 -0.54 -1.29 -0.72
CA LEU A 19 -1.75 -1.22 -1.51
C LEU A 19 -2.27 -2.62 -1.83
N HIS A 20 -3.47 -2.90 -1.38
CA HIS A 20 -4.14 -4.15 -1.72
C HIS A 20 -5.54 -3.85 -2.14
N THR A 21 -5.82 -3.84 -3.41
CA THR A 21 -7.17 -3.56 -3.76
C THR A 21 -7.95 -4.84 -3.98
N GLN A 22 -8.49 -5.32 -2.87
CA GLN A 22 -9.70 -6.10 -2.83
C GLN A 22 -10.79 -5.15 -2.39
N THR A 23 -10.49 -4.56 -1.23
CA THR A 23 -11.39 -3.66 -0.52
C THR A 23 -11.04 -2.23 -0.75
N GLY A 24 -9.91 -2.18 -1.27
CA GLY A 24 -9.15 -0.95 -1.47
C GLY A 24 -8.28 -0.59 -0.28
N VAL A 25 -7.22 -1.37 -0.06
CA VAL A 25 -6.27 -1.08 1.02
C VAL A 25 -5.14 -0.17 0.57
N SER A 26 -4.95 0.90 1.31
CA SER A 26 -3.79 1.78 1.19
C SER A 26 -3.43 2.29 2.56
N THR A 27 -2.40 1.72 3.14
CA THR A 27 -2.06 1.98 4.52
C THR A 27 -0.55 1.97 4.76
N TRP A 28 -0.11 2.76 5.73
CA TRP A 28 1.28 2.79 6.12
C TRP A 28 1.69 1.51 6.86
N HIS A 29 0.71 0.83 7.44
CA HIS A 29 1.03 -0.33 8.27
C HIS A 29 1.10 -1.59 7.43
N ASP A 30 2.17 -2.35 7.63
CA ASP A 30 2.35 -3.64 6.98
C ASP A 30 1.10 -4.49 7.19
N PRO A 31 0.56 -5.08 6.13
CA PRO A 31 -0.69 -5.83 6.19
C PRO A 31 -0.56 -7.21 6.79
N ARG A 32 0.66 -7.67 6.88
CA ARG A 32 0.97 -8.93 7.52
C ARG A 32 0.92 -8.69 9.02
N ILE A 33 0.80 -7.42 9.36
CA ILE A 33 0.61 -6.99 10.74
C ILE A 33 -0.87 -7.07 11.09
N SER B 1 -6.60 3.89 -13.73
CA SER B 1 -6.49 2.98 -12.56
C SER B 1 -5.27 3.38 -11.72
N ASP B 2 -5.03 4.67 -11.58
CA ASP B 2 -3.88 5.17 -10.83
C ASP B 2 -4.23 5.37 -9.36
N PRO B 3 -3.40 4.83 -8.45
CA PRO B 3 -3.65 4.85 -7.02
C PRO B 3 -3.10 6.09 -6.32
N GLY B 4 -3.75 6.47 -5.24
CA GLY B 4 -3.32 7.61 -4.45
C GLY B 4 -2.34 7.23 -3.35
N PRO B 6 -0.53 7.83 0.62
CA PRO B 6 -0.92 8.08 2.01
C PRO B 6 -0.30 9.37 2.54
N PHE B 7 -1.02 10.05 3.41
CA PHE B 7 -0.54 11.30 3.98
C PHE B 7 -0.51 11.20 5.50
N GLN B 8 0.57 11.73 6.08
CA GLN B 8 0.78 11.74 7.53
C GLN B 8 1.08 10.33 8.03
N GLU A 1 7.64 -11.54 4.58
CA GLU A 1 6.78 -11.26 3.40
C GLU A 1 5.39 -10.83 3.83
N LEU A 2 4.55 -10.47 2.86
CA LEU A 2 3.19 -10.07 3.13
C LEU A 2 2.26 -11.20 2.75
N PRO A 3 0.97 -11.11 3.11
CA PRO A 3 -0.06 -11.94 2.48
C PRO A 3 -0.25 -11.50 1.04
N GLU A 4 -0.77 -12.39 0.23
CA GLU A 4 -0.87 -12.13 -1.20
C GLU A 4 -1.92 -11.07 -1.50
N GLY A 5 -1.68 -10.34 -2.57
CA GLY A 5 -2.58 -9.29 -2.99
C GLY A 5 -2.13 -7.89 -2.59
N TYR A 6 -1.06 -7.81 -1.80
CA TYR A 6 -0.54 -6.50 -1.40
C TYR A 6 0.52 -6.02 -2.38
N GLU A 7 0.20 -4.95 -3.10
CA GLU A 7 1.16 -4.33 -4.00
C GLU A 7 1.89 -3.22 -3.26
N GLN A 8 3.20 -3.34 -3.12
CA GLN A 8 3.97 -2.30 -2.49
C GLN A 8 4.42 -1.31 -3.54
N ARG A 9 3.83 -0.13 -3.53
CA ARG A 9 4.21 0.92 -4.47
C ARG A 9 5.06 1.98 -3.81
N THR A 10 5.91 2.56 -4.63
CA THR A 10 6.83 3.58 -4.23
C THR A 10 6.43 4.90 -4.86
N THR A 11 6.69 6.00 -4.18
CA THR A 11 6.25 7.30 -4.65
C THR A 11 7.26 8.38 -4.29
N VAL A 12 7.32 9.41 -5.13
CA VAL A 12 8.19 10.57 -4.94
C VAL A 12 8.03 11.15 -3.53
N GLN A 13 6.85 10.94 -2.98
CA GLN A 13 6.52 11.38 -1.62
C GLN A 13 7.54 10.87 -0.60
N GLY A 14 8.26 9.81 -0.97
CA GLY A 14 9.29 9.26 -0.09
C GLY A 14 8.70 8.35 0.96
N GLN A 15 7.54 7.79 0.66
CA GLN A 15 6.81 6.97 1.60
C GLN A 15 6.41 5.65 0.95
N VAL A 16 6.56 4.57 1.68
CA VAL A 16 6.12 3.27 1.20
C VAL A 16 4.68 3.03 1.60
N TYR A 17 3.86 2.59 0.65
CA TYR A 17 2.46 2.37 0.94
C TYR A 17 1.98 1.05 0.37
N PHE A 18 1.25 0.30 1.19
CA PHE A 18 0.76 -1.01 0.82
C PHE A 18 -0.60 -0.93 0.16
N LEU A 19 -0.64 -1.38 -1.09
CA LEU A 19 -1.82 -1.28 -1.91
C LEU A 19 -2.45 -2.65 -2.15
N HIS A 20 -3.47 -2.97 -1.39
CA HIS A 20 -4.28 -4.14 -1.68
C HIS A 20 -5.64 -3.69 -2.11
N THR A 21 -5.87 -3.52 -3.39
CA THR A 21 -7.17 -3.07 -3.75
C THR A 21 -8.06 -4.24 -4.15
N GLN A 22 -8.70 -4.78 -3.12
CA GLN A 22 -9.96 -5.44 -3.23
C GLN A 22 -11.01 -4.45 -2.75
N THR A 23 -10.71 -3.91 -1.57
CA THR A 23 -11.53 -2.94 -0.89
C THR A 23 -11.07 -1.56 -1.12
N GLY A 24 -9.93 -1.61 -1.61
CA GLY A 24 -9.08 -0.45 -1.82
C GLY A 24 -8.22 -0.13 -0.62
N VAL A 25 -7.21 -0.96 -0.35
CA VAL A 25 -6.25 -0.68 0.71
C VAL A 25 -5.07 0.13 0.22
N SER A 26 -4.86 1.25 0.88
CA SER A 26 -3.65 2.04 0.74
C SER A 26 -3.21 2.49 2.12
N THR A 27 -2.36 1.70 2.73
CA THR A 27 -2.10 1.84 4.15
C THR A 27 -0.60 1.92 4.45
N TRP A 28 -0.28 2.62 5.52
CA TRP A 28 1.09 2.80 5.97
C TRP A 28 1.66 1.52 6.56
N HIS A 29 0.91 0.93 7.49
CA HIS A 29 1.37 -0.24 8.21
C HIS A 29 1.50 -1.43 7.27
N ASP A 30 2.60 -2.14 7.38
CA ASP A 30 2.73 -3.44 6.74
C ASP A 30 1.55 -4.29 7.21
N PRO A 31 0.75 -4.83 6.30
CA PRO A 31 -0.43 -5.59 6.69
C PRO A 31 -0.09 -6.90 7.35
N ARG A 32 1.14 -7.31 7.22
CA ARG A 32 1.64 -8.47 7.91
C ARG A 32 1.92 -8.09 9.36
N ILE A 33 1.87 -6.80 9.61
CA ILE A 33 2.04 -6.27 10.97
C ILE A 33 0.81 -5.48 11.41
N SER B 1 -6.36 3.99 -13.67
CA SER B 1 -5.30 3.16 -13.04
C SER B 1 -4.60 3.92 -11.91
N ASP B 2 -5.28 4.95 -11.39
CA ASP B 2 -4.68 5.84 -10.41
C ASP B 2 -4.93 5.33 -8.99
N PRO B 3 -3.87 4.94 -8.27
CA PRO B 3 -3.96 4.52 -6.88
C PRO B 3 -3.83 5.69 -5.91
N GLY B 4 -4.41 5.54 -4.73
CA GLY B 4 -4.32 6.59 -3.74
C GLY B 4 -3.11 6.42 -2.84
N PRO B 6 -0.94 7.62 0.72
CA PRO B 6 -1.33 7.67 2.13
C PRO B 6 -1.12 9.04 2.74
N PHE B 7 -1.98 9.38 3.68
CA PHE B 7 -1.85 10.63 4.42
C PHE B 7 -1.28 10.33 5.80
N GLN B 8 -0.06 10.79 6.04
CA GLN B 8 0.64 10.50 7.29
C GLN B 8 0.05 11.28 8.45
N GLU A 1 7.93 -8.53 3.17
CA GLU A 1 7.34 -9.86 2.90
C GLU A 1 5.87 -9.85 3.26
N LEU A 2 5.01 -9.72 2.26
CA LEU A 2 3.58 -9.62 2.52
C LEU A 2 2.86 -10.86 2.03
N PRO A 3 1.62 -11.03 2.46
CA PRO A 3 0.69 -11.97 1.81
C PRO A 3 0.30 -11.48 0.44
N GLU A 4 -0.29 -12.36 -0.31
CA GLU A 4 -0.66 -12.08 -1.70
C GLU A 4 -1.80 -11.08 -1.79
N GLY A 5 -1.77 -10.27 -2.84
CA GLY A 5 -2.80 -9.27 -3.06
C GLY A 5 -2.38 -7.88 -2.65
N TYR A 6 -1.16 -7.73 -2.17
CA TYR A 6 -0.69 -6.43 -1.71
C TYR A 6 0.12 -5.72 -2.79
N GLU A 7 -0.35 -4.55 -3.16
CA GLU A 7 0.38 -3.69 -4.05
C GLU A 7 1.27 -2.78 -3.24
N GLN A 8 2.54 -3.12 -3.18
CA GLN A 8 3.48 -2.31 -2.43
C GLN A 8 4.06 -1.27 -3.37
N ARG A 9 3.77 -0.02 -3.11
CA ARG A 9 4.28 1.03 -3.94
C ARG A 9 5.27 1.91 -3.20
N THR A 10 6.24 2.34 -3.96
CA THR A 10 7.28 3.20 -3.48
C THR A 10 7.25 4.48 -4.29
N THR A 11 6.52 5.45 -3.79
CA THR A 11 6.25 6.68 -4.52
C THR A 11 7.31 7.73 -4.24
N VAL A 12 7.55 8.58 -5.24
CA VAL A 12 8.56 9.66 -5.16
C VAL A 12 8.33 10.54 -3.94
N GLN A 13 7.14 10.44 -3.36
CA GLN A 13 6.78 11.16 -2.13
C GLN A 13 7.73 10.81 -0.97
N GLY A 14 8.48 9.72 -1.15
CA GLY A 14 9.44 9.31 -0.13
C GLY A 14 8.83 8.38 0.88
N GLN A 15 7.95 7.51 0.43
CA GLN A 15 7.20 6.63 1.32
C GLN A 15 6.86 5.32 0.65
N VAL A 16 6.83 4.28 1.45
CA VAL A 16 6.30 3.00 1.04
C VAL A 16 4.90 2.86 1.59
N TYR A 17 3.95 2.47 0.75
CA TYR A 17 2.57 2.41 1.18
C TYR A 17 1.91 1.14 0.66
N PHE A 18 1.13 0.51 1.52
CA PHE A 18 0.55 -0.78 1.21
C PHE A 18 -0.84 -0.68 0.64
N LEU A 19 -0.94 -1.00 -0.64
CA LEU A 19 -2.20 -1.12 -1.32
C LEU A 19 -2.68 -2.56 -1.27
N HIS A 20 -3.97 -2.73 -1.16
CA HIS A 20 -4.60 -4.02 -1.43
C HIS A 20 -5.91 -3.73 -2.08
N THR A 21 -5.97 -3.62 -3.39
CA THR A 21 -7.25 -3.31 -3.94
C THR A 21 -8.00 -4.59 -4.27
N GLN A 22 -8.69 -5.05 -3.25
CA GLN A 22 -9.95 -5.73 -3.36
C GLN A 22 -11.00 -4.71 -3.00
N THR A 23 -10.77 -4.13 -1.81
CA THR A 23 -11.66 -3.18 -1.19
C THR A 23 -11.21 -1.78 -1.37
N GLY A 24 -10.03 -1.78 -1.77
CA GLY A 24 -9.21 -0.60 -1.91
C GLY A 24 -8.50 -0.22 -0.62
N VAL A 25 -7.48 -0.98 -0.24
CA VAL A 25 -6.64 -0.64 0.90
C VAL A 25 -5.46 0.24 0.52
N SER A 26 -5.22 1.24 1.34
CA SER A 26 -4.01 2.06 1.28
C SER A 26 -3.62 2.47 2.70
N THR A 27 -2.67 1.77 3.28
CA THR A 27 -2.33 1.97 4.69
C THR A 27 -0.83 2.11 4.90
N TRP A 28 -0.47 2.85 5.94
CA TRP A 28 0.92 2.99 6.35
C TRP A 28 1.40 1.72 7.02
N HIS A 29 0.48 1.01 7.67
CA HIS A 29 0.85 -0.21 8.39
C HIS A 29 1.04 -1.37 7.41
N ASP A 30 2.17 -2.04 7.54
CA ASP A 30 2.42 -3.26 6.80
C ASP A 30 1.34 -4.28 7.17
N PRO A 31 0.68 -4.89 6.19
CA PRO A 31 -0.42 -5.80 6.46
C PRO A 31 0.03 -7.14 6.99
N ARG A 32 1.30 -7.41 6.88
CA ARG A 32 1.87 -8.59 7.49
C ARG A 32 2.03 -8.31 8.97
N ILE A 33 1.88 -7.05 9.31
CA ILE A 33 1.93 -6.60 10.70
C ILE A 33 0.66 -5.87 11.11
N SER B 1 -6.92 2.92 -12.39
CA SER B 1 -5.52 2.45 -12.46
C SER B 1 -4.61 3.34 -11.60
N ASP B 2 -5.17 4.40 -11.03
CA ASP B 2 -4.40 5.30 -10.18
C ASP B 2 -4.72 5.05 -8.72
N PRO B 3 -3.70 4.70 -7.94
CA PRO B 3 -3.83 4.44 -6.50
C PRO B 3 -3.64 5.68 -5.66
N GLY B 4 -4.28 5.70 -4.50
CA GLY B 4 -4.14 6.82 -3.60
C GLY B 4 -2.98 6.63 -2.65
N PRO B 6 -0.55 7.74 0.74
CA PRO B 6 -0.77 8.06 2.15
C PRO B 6 -0.18 9.42 2.51
N PHE B 7 -0.90 10.21 3.29
CA PHE B 7 -0.38 11.51 3.71
C PHE B 7 -0.35 11.62 5.23
N GLN B 8 -1.14 10.77 5.89
CA GLN B 8 -1.20 10.71 7.34
C GLN B 8 -1.97 9.47 7.79
N GLU A 1 7.96 -9.16 3.39
CA GLU A 1 7.12 -10.15 2.68
C GLU A 1 5.72 -10.15 3.25
N LEU A 2 4.74 -9.92 2.37
CA LEU A 2 3.36 -9.76 2.76
C LEU A 2 2.53 -10.94 2.30
N PRO A 3 1.26 -11.01 2.71
CA PRO A 3 0.30 -11.95 2.13
C PRO A 3 -0.06 -11.56 0.72
N GLU A 4 -0.78 -12.44 0.09
CA GLU A 4 -1.12 -12.31 -1.32
C GLU A 4 -2.08 -11.15 -1.57
N GLY A 5 -1.78 -10.36 -2.60
CA GLY A 5 -2.64 -9.26 -2.98
C GLY A 5 -2.18 -7.90 -2.49
N TYR A 6 -0.97 -7.81 -1.94
CA TYR A 6 -0.43 -6.50 -1.54
C TYR A 6 0.74 -6.11 -2.42
N GLU A 7 0.58 -5.02 -3.15
CA GLU A 7 1.69 -4.44 -3.87
C GLU A 7 2.27 -3.29 -3.05
N GLN A 8 3.55 -3.39 -2.79
CA GLN A 8 4.23 -2.38 -1.98
C GLN A 8 4.76 -1.29 -2.88
N ARG A 9 4.03 -0.19 -2.97
CA ARG A 9 4.37 0.85 -3.92
C ARG A 9 5.27 1.91 -3.36
N THR A 10 6.05 2.44 -4.26
CA THR A 10 6.93 3.55 -3.98
C THR A 10 6.52 4.74 -4.84
N THR A 11 6.55 5.92 -4.27
CA THR A 11 6.06 7.11 -4.93
C THR A 11 6.91 8.31 -4.55
N VAL A 12 7.00 9.27 -5.47
CA VAL A 12 7.85 10.46 -5.32
C VAL A 12 7.70 11.17 -3.98
N GLN A 13 6.56 10.96 -3.30
CA GLN A 13 6.36 11.54 -1.98
C GLN A 13 7.45 11.07 -1.00
N GLY A 14 8.06 9.93 -1.31
CA GLY A 14 9.14 9.42 -0.49
C GLY A 14 8.66 8.47 0.60
N GLN A 15 7.58 7.76 0.33
CA GLN A 15 7.01 6.86 1.32
C GLN A 15 6.57 5.55 0.68
N VAL A 16 6.74 4.45 1.43
CA VAL A 16 6.23 3.15 1.02
C VAL A 16 4.83 2.95 1.58
N TYR A 17 3.93 2.40 0.78
CA TYR A 17 2.55 2.27 1.20
C TYR A 17 1.96 0.97 0.67
N PHE A 18 1.22 0.27 1.53
CA PHE A 18 0.73 -1.06 1.20
C PHE A 18 -0.62 -1.01 0.53
N LEU A 19 -0.65 -1.52 -0.69
CA LEU A 19 -1.84 -1.46 -1.50
C LEU A 19 -2.40 -2.85 -1.74
N HIS A 20 -3.62 -3.06 -1.28
CA HIS A 20 -4.39 -4.23 -1.63
C HIS A 20 -5.72 -3.78 -2.13
N THR A 21 -5.87 -3.55 -3.42
CA THR A 21 -7.18 -3.15 -3.85
C THR A 21 -8.01 -4.37 -4.20
N GLN A 22 -8.64 -4.88 -3.17
CA GLN A 22 -9.89 -5.59 -3.25
C GLN A 22 -10.95 -4.61 -2.80
N THR A 23 -10.69 -4.12 -1.59
CA THR A 23 -11.53 -3.17 -0.90
C THR A 23 -11.02 -1.78 -1.08
N GLY A 24 -9.87 -1.84 -1.53
CA GLY A 24 -9.02 -0.68 -1.69
C GLY A 24 -8.23 -0.34 -0.43
N VAL A 25 -7.23 -1.16 -0.12
CA VAL A 25 -6.31 -0.85 0.98
C VAL A 25 -5.12 -0.02 0.53
N SER A 26 -4.98 1.12 1.17
CA SER A 26 -3.77 1.94 1.05
C SER A 26 -3.38 2.38 2.45
N THR A 27 -2.52 1.60 3.07
CA THR A 27 -2.31 1.73 4.50
C THR A 27 -0.87 2.05 4.86
N TRP A 28 -0.71 2.76 5.98
CA TRP A 28 0.60 3.07 6.54
C TRP A 28 1.15 1.90 7.33
N HIS A 29 0.27 0.98 7.73
CA HIS A 29 0.71 -0.16 8.54
C HIS A 29 0.86 -1.39 7.66
N ASP A 30 1.96 -2.09 7.82
CA ASP A 30 2.19 -3.34 7.12
C ASP A 30 1.04 -4.31 7.40
N PRO A 31 0.50 -4.94 6.36
CA PRO A 31 -0.66 -5.82 6.50
C PRO A 31 -0.32 -7.21 6.99
N ARG A 32 0.96 -7.54 6.94
CA ARG A 32 1.47 -8.78 7.47
C ARG A 32 1.55 -8.66 8.98
N ILE A 33 1.32 -7.45 9.42
CA ILE A 33 1.28 -7.13 10.85
C ILE A 33 -0.04 -7.61 11.44
N SER B 1 -7.20 4.29 -13.82
CA SER B 1 -6.67 3.32 -12.85
C SER B 1 -5.38 3.84 -12.23
N ASP B 2 -5.50 4.48 -11.08
CA ASP B 2 -4.34 5.04 -10.38
C ASP B 2 -4.56 5.03 -8.89
N PRO B 3 -3.58 4.55 -8.12
CA PRO B 3 -3.65 4.52 -6.67
C PRO B 3 -3.10 5.79 -6.03
N GLY B 4 -3.76 6.25 -4.99
CA GLY B 4 -3.30 7.44 -4.30
C GLY B 4 -2.34 7.12 -3.19
N PRO B 6 -0.35 7.77 0.62
CA PRO B 6 -0.71 8.00 2.03
C PRO B 6 -0.08 9.29 2.55
N PHE B 7 -0.81 10.02 3.37
CA PHE B 7 -0.29 11.25 3.95
C PHE B 7 0.14 11.00 5.39
N GLN B 8 -0.84 10.96 6.28
CA GLN B 8 -0.59 10.66 7.68
C GLN B 8 -1.89 10.21 8.35
N GLU A 1 7.94 -10.91 3.39
CA GLU A 1 6.82 -11.42 2.57
C GLU A 1 5.49 -10.94 3.14
N LEU A 2 4.57 -10.60 2.26
CA LEU A 2 3.23 -10.21 2.68
C LEU A 2 2.25 -11.28 2.21
N PRO A 3 0.98 -11.21 2.65
CA PRO A 3 -0.09 -12.01 2.07
C PRO A 3 -0.40 -11.54 0.67
N GLU A 4 -1.11 -12.36 -0.05
CA GLU A 4 -1.37 -12.11 -1.46
C GLU A 4 -2.33 -10.95 -1.63
N GLY A 5 -2.09 -10.18 -2.69
CA GLY A 5 -2.95 -9.06 -3.01
C GLY A 5 -2.39 -7.73 -2.56
N TYR A 6 -1.18 -7.73 -2.02
CA TYR A 6 -0.53 -6.48 -1.63
C TYR A 6 0.56 -6.10 -2.61
N GLU A 7 0.50 -4.90 -3.12
CA GLU A 7 1.58 -4.33 -3.89
C GLU A 7 2.21 -3.18 -3.11
N GLN A 8 3.51 -3.27 -2.91
CA GLN A 8 4.22 -2.27 -2.15
C GLN A 8 4.71 -1.19 -3.10
N ARG A 9 4.04 -0.05 -3.08
CA ARG A 9 4.38 1.01 -4.01
C ARG A 9 5.29 2.04 -3.40
N THR A 10 6.08 2.61 -4.27
CA THR A 10 7.03 3.63 -3.91
C THR A 10 6.72 4.90 -4.69
N THR A 11 6.72 6.02 -3.99
CA THR A 11 6.36 7.29 -4.60
C THR A 11 7.30 8.39 -4.15
N VAL A 12 7.51 9.38 -5.03
CA VAL A 12 8.36 10.53 -4.74
C VAL A 12 7.90 11.28 -3.49
N GLN A 13 6.68 11.01 -3.06
CA GLN A 13 6.18 11.53 -1.79
C GLN A 13 7.12 11.16 -0.65
N GLY A 14 7.90 10.10 -0.85
CA GLY A 14 8.91 9.69 0.12
C GLY A 14 8.37 8.67 1.11
N GLN A 15 7.47 7.82 0.63
CA GLN A 15 6.73 6.92 1.49
C GLN A 15 6.38 5.63 0.80
N VAL A 16 6.54 4.56 1.53
CA VAL A 16 6.08 3.24 1.10
C VAL A 16 4.67 3.02 1.62
N TYR A 17 3.76 2.65 0.74
CA TYR A 17 2.38 2.45 1.14
C TYR A 17 1.86 1.13 0.57
N PHE A 18 1.16 0.37 1.41
CA PHE A 18 0.72 -0.96 1.03
C PHE A 18 -0.65 -0.94 0.39
N LEU A 19 -0.69 -1.45 -0.83
CA LEU A 19 -1.90 -1.43 -1.64
C LEU A 19 -2.49 -2.82 -1.78
N HIS A 20 -3.68 -3.00 -1.26
CA HIS A 20 -4.45 -4.21 -1.50
C HIS A 20 -5.84 -3.80 -1.93
N THR A 21 -6.06 -3.63 -3.22
CA THR A 21 -7.40 -3.22 -3.58
C THR A 21 -8.26 -4.45 -3.86
N GLN A 22 -8.84 -4.93 -2.78
CA GLN A 22 -10.10 -5.63 -2.81
C GLN A 22 -11.15 -4.63 -2.36
N THR A 23 -10.82 -4.03 -1.21
CA THR A 23 -11.63 -3.02 -0.57
C THR A 23 -11.15 -1.65 -0.87
N GLY A 24 -10.02 -1.74 -1.38
CA GLY A 24 -9.16 -0.61 -1.63
C GLY A 24 -8.29 -0.24 -0.44
N VAL A 25 -7.28 -1.06 -0.17
CA VAL A 25 -6.33 -0.76 0.91
C VAL A 25 -5.15 0.07 0.41
N SER A 26 -4.97 1.18 1.09
CA SER A 26 -3.77 1.99 0.97
C SER A 26 -3.38 2.44 2.37
N THR A 27 -2.53 1.67 3.01
CA THR A 27 -2.29 1.83 4.43
C THR A 27 -0.82 2.05 4.76
N TRP A 28 -0.59 2.80 5.83
CA TRP A 28 0.76 3.09 6.30
C TRP A 28 1.40 1.90 6.98
N HIS A 29 0.60 1.00 7.53
CA HIS A 29 1.14 -0.12 8.28
C HIS A 29 1.33 -1.32 7.36
N ASP A 30 2.40 -2.06 7.58
CA ASP A 30 2.64 -3.29 6.85
C ASP A 30 1.51 -4.27 7.17
N PRO A 31 0.96 -4.93 6.15
CA PRO A 31 -0.20 -5.79 6.33
C PRO A 31 0.15 -7.17 6.84
N ARG A 32 1.42 -7.51 6.76
CA ARG A 32 1.90 -8.76 7.32
C ARG A 32 2.06 -8.60 8.81
N ILE A 33 1.87 -7.37 9.23
CA ILE A 33 1.93 -7.02 10.65
C ILE A 33 0.67 -7.53 11.34
N SER B 1 -6.11 2.99 -13.33
CA SER B 1 -4.92 2.28 -12.79
C SER B 1 -4.12 3.20 -11.88
N ASP B 2 -4.72 4.30 -11.46
CA ASP B 2 -4.03 5.27 -10.63
C ASP B 2 -4.46 5.11 -9.17
N PRO B 3 -3.52 4.71 -8.31
CA PRO B 3 -3.81 4.43 -6.90
C PRO B 3 -3.63 5.64 -6.00
N GLY B 4 -4.25 5.59 -4.83
CA GLY B 4 -4.19 6.71 -3.91
C GLY B 4 -3.01 6.62 -2.97
N PRO B 6 -0.90 7.83 0.65
CA PRO B 6 -1.17 7.97 2.08
C PRO B 6 -0.85 9.38 2.56
N PHE B 7 -1.68 9.92 3.44
CA PHE B 7 -1.47 11.27 3.94
C PHE B 7 -1.07 11.27 5.41
N GLN B 8 0.24 11.44 5.64
CA GLN B 8 0.81 11.59 6.99
C GLN B 8 0.46 10.41 7.90
N GLU A 1 7.76 -9.46 3.79
CA GLU A 1 6.89 -10.44 3.09
C GLU A 1 5.45 -10.24 3.49
N LEU A 2 4.56 -10.18 2.51
CA LEU A 2 3.15 -9.89 2.76
C LEU A 2 2.29 -11.07 2.32
N PRO A 3 1.01 -11.08 2.73
CA PRO A 3 0.00 -11.96 2.15
C PRO A 3 -0.32 -11.53 0.73
N GLU A 4 -1.05 -12.38 0.07
CA GLU A 4 -1.31 -12.20 -1.36
C GLU A 4 -2.22 -11.02 -1.64
N GLY A 5 -1.84 -10.28 -2.66
CA GLY A 5 -2.63 -9.17 -3.14
C GLY A 5 -2.14 -7.82 -2.67
N TYR A 6 -0.99 -7.77 -1.99
CA TYR A 6 -0.43 -6.50 -1.58
C TYR A 6 0.75 -6.12 -2.47
N GLU A 7 0.66 -4.97 -3.09
CA GLU A 7 1.78 -4.40 -3.81
C GLU A 7 2.36 -3.25 -3.00
N GLN A 8 3.66 -3.29 -2.77
CA GLN A 8 4.32 -2.25 -2.01
C GLN A 8 4.79 -1.17 -2.98
N ARG A 9 4.09 -0.04 -2.98
CA ARG A 9 4.43 1.01 -3.91
C ARG A 9 5.39 2.01 -3.32
N THR A 10 6.18 2.55 -4.20
CA THR A 10 7.27 3.43 -3.85
C THR A 10 7.13 4.72 -4.65
N THR A 11 6.41 5.66 -4.06
CA THR A 11 6.04 6.86 -4.76
C THR A 11 7.00 8.00 -4.43
N VAL A 12 7.19 8.93 -5.38
CA VAL A 12 8.16 10.02 -5.25
C VAL A 12 7.95 10.83 -3.97
N GLN A 13 6.77 10.68 -3.38
CA GLN A 13 6.47 11.25 -2.06
C GLN A 13 7.53 10.86 -1.02
N GLY A 14 8.24 9.77 -1.30
CA GLY A 14 9.30 9.32 -0.42
C GLY A 14 8.79 8.41 0.68
N GLN A 15 7.59 7.90 0.48
CA GLN A 15 6.94 7.06 1.49
C GLN A 15 6.40 5.80 0.84
N VAL A 16 6.60 4.67 1.51
CA VAL A 16 6.09 3.39 1.03
C VAL A 16 4.68 3.15 1.56
N TYR A 17 3.79 2.72 0.69
CA TYR A 17 2.42 2.47 1.07
C TYR A 17 1.96 1.13 0.52
N PHE A 18 1.25 0.36 1.35
CA PHE A 18 0.83 -0.98 0.98
C PHE A 18 -0.53 -0.95 0.30
N LEU A 19 -0.56 -1.46 -0.92
CA LEU A 19 -1.74 -1.41 -1.73
C LEU A 19 -2.30 -2.81 -1.97
N HIS A 20 -3.55 -2.98 -1.63
CA HIS A 20 -4.27 -4.22 -1.91
C HIS A 20 -5.65 -3.88 -2.36
N THR A 21 -5.90 -3.83 -3.65
CA THR A 21 -7.24 -3.51 -4.04
C THR A 21 -8.05 -4.75 -4.25
N GLN A 22 -8.63 -5.19 -3.14
CA GLN A 22 -9.89 -5.89 -3.11
C GLN A 22 -10.91 -4.86 -2.69
N THR A 23 -10.58 -4.25 -1.55
CA THR A 23 -11.40 -3.23 -0.92
C THR A 23 -10.92 -1.86 -1.19
N GLY A 24 -9.78 -1.93 -1.68
CA GLY A 24 -8.93 -0.78 -1.90
C GLY A 24 -8.11 -0.40 -0.68
N VAL A 25 -7.09 -1.19 -0.39
CA VAL A 25 -6.17 -0.89 0.71
C VAL A 25 -5.00 -0.03 0.26
N SER A 26 -4.86 1.10 0.93
CA SER A 26 -3.67 1.94 0.83
C SER A 26 -3.34 2.45 2.22
N THR A 27 -2.34 1.84 2.84
CA THR A 27 -2.08 2.06 4.25
C THR A 27 -0.58 2.08 4.56
N TRP A 28 -0.22 2.83 5.58
CA TRP A 28 1.18 2.92 6.03
C TRP A 28 1.63 1.62 6.67
N HIS A 29 0.77 1.04 7.51
CA HIS A 29 1.14 -0.15 8.24
C HIS A 29 1.17 -1.36 7.32
N ASP A 30 2.24 -2.12 7.41
CA ASP A 30 2.35 -3.39 6.71
C ASP A 30 1.15 -4.25 7.11
N PRO A 31 0.40 -4.78 6.15
CA PRO A 31 -0.78 -5.57 6.44
C PRO A 31 -0.46 -6.91 7.05
N ARG A 32 0.80 -7.29 6.97
CA ARG A 32 1.31 -8.46 7.64
C ARG A 32 1.46 -8.15 9.12
N ILE A 33 1.34 -6.87 9.44
CA ILE A 33 1.41 -6.40 10.81
C ILE A 33 0.21 -5.51 11.16
N SER B 1 -7.66 4.11 -12.50
CA SER B 1 -6.80 2.95 -12.23
C SER B 1 -5.53 3.35 -11.48
N ASP B 2 -5.41 4.64 -11.17
CA ASP B 2 -4.25 5.13 -10.44
C ASP B 2 -4.52 5.09 -8.94
N PRO B 3 -3.51 4.73 -8.13
CA PRO B 3 -3.65 4.60 -6.69
C PRO B 3 -3.39 5.90 -5.96
N GLY B 4 -4.06 6.07 -4.84
CA GLY B 4 -3.91 7.28 -4.05
C GLY B 4 -2.81 7.14 -3.02
N PRO B 6 -0.85 7.90 0.76
CA PRO B 6 -1.13 7.92 2.20
C PRO B 6 -0.78 9.27 2.83
N PHE B 7 -1.50 9.64 3.87
CA PHE B 7 -1.20 10.85 4.62
C PHE B 7 -1.03 10.51 6.10
N GLN B 8 0.05 11.01 6.70
CA GLN B 8 0.27 10.82 8.13
C GLN B 8 0.89 12.08 8.73
N GLU A 1 7.12 -10.33 5.26
CA GLU A 1 6.61 -10.93 4.00
C GLU A 1 5.09 -10.91 4.01
N LEU A 2 4.52 -10.38 2.94
CA LEU A 2 3.08 -10.11 2.89
C LEU A 2 2.34 -11.28 2.28
N PRO A 3 1.03 -11.34 2.56
CA PRO A 3 0.10 -12.19 1.81
C PRO A 3 -0.10 -11.65 0.41
N GLU A 4 -0.69 -12.47 -0.42
CA GLU A 4 -0.88 -12.10 -1.81
C GLU A 4 -1.92 -11.00 -1.95
N GLY A 5 -1.76 -10.19 -2.98
CA GLY A 5 -2.69 -9.11 -3.22
C GLY A 5 -2.19 -7.76 -2.76
N TYR A 6 -1.01 -7.71 -2.13
CA TYR A 6 -0.45 -6.44 -1.69
C TYR A 6 0.66 -5.98 -2.62
N GLU A 7 0.44 -4.87 -3.29
CA GLU A 7 1.45 -4.27 -4.12
C GLU A 7 2.17 -3.19 -3.33
N GLN A 8 3.49 -3.32 -3.21
CA GLN A 8 4.26 -2.33 -2.48
C GLN A 8 4.70 -1.25 -3.44
N ARG A 9 4.11 -0.07 -3.28
CA ARG A 9 4.43 1.05 -4.15
C ARG A 9 5.29 2.08 -3.46
N THR A 10 6.09 2.72 -4.28
CA THR A 10 7.05 3.71 -3.84
C THR A 10 6.84 4.99 -4.64
N THR A 11 6.14 5.93 -4.04
CA THR A 11 5.76 7.15 -4.73
C THR A 11 6.81 8.22 -4.54
N VAL A 12 6.92 9.10 -5.53
CA VAL A 12 7.84 10.23 -5.51
C VAL A 12 7.71 11.06 -4.22
N GLN A 13 6.58 10.90 -3.55
CA GLN A 13 6.36 11.51 -2.23
C GLN A 13 7.46 11.09 -1.24
N GLY A 14 8.06 9.94 -1.49
CA GLY A 14 9.13 9.45 -0.65
C GLY A 14 8.60 8.62 0.50
N GLN A 15 7.48 7.93 0.26
CA GLN A 15 6.84 7.14 1.30
C GLN A 15 6.43 5.78 0.75
N VAL A 16 6.59 4.76 1.58
CA VAL A 16 6.14 3.41 1.23
C VAL A 16 4.70 3.20 1.67
N TYR A 17 3.88 2.63 0.80
CA TYR A 17 2.50 2.38 1.14
C TYR A 17 2.03 1.06 0.56
N PHE A 18 1.32 0.29 1.37
CA PHE A 18 0.86 -1.04 0.97
C PHE A 18 -0.49 -0.98 0.31
N LEU A 19 -0.57 -1.53 -0.89
CA LEU A 19 -1.76 -1.45 -1.69
C LEU A 19 -2.40 -2.81 -1.88
N HIS A 20 -3.56 -3.00 -1.28
CA HIS A 20 -4.40 -4.13 -1.61
C HIS A 20 -5.74 -3.59 -2.04
N THR A 21 -5.92 -3.33 -3.32
CA THR A 21 -7.19 -2.78 -3.68
C THR A 21 -8.11 -3.90 -4.17
N GLN A 22 -8.78 -4.47 -3.20
CA GLN A 22 -10.07 -5.08 -3.36
C GLN A 22 -11.07 -4.07 -2.84
N THR A 23 -10.77 -3.64 -1.62
CA THR A 23 -11.55 -2.65 -0.90
C THR A 23 -10.98 -1.29 -1.06
N GLY A 24 -9.84 -1.39 -1.53
CA GLY A 24 -8.93 -0.29 -1.67
C GLY A 24 -8.10 -0.04 -0.43
N VAL A 25 -7.11 -0.90 -0.17
CA VAL A 25 -6.17 -0.66 0.91
C VAL A 25 -4.95 0.13 0.45
N SER A 26 -4.77 1.26 1.10
CA SER A 26 -3.57 2.07 0.98
C SER A 26 -3.14 2.48 2.38
N THR A 27 -2.12 1.84 2.89
CA THR A 27 -1.80 1.99 4.31
C THR A 27 -0.30 2.00 4.58
N TRP A 28 0.07 2.70 5.64
CA TRP A 28 1.46 2.80 6.08
C TRP A 28 1.96 1.49 6.68
N HIS A 29 1.07 0.75 7.34
CA HIS A 29 1.48 -0.43 8.09
C HIS A 29 1.53 -1.65 7.20
N ASP A 30 2.59 -2.44 7.37
CA ASP A 30 2.71 -3.72 6.70
C ASP A 30 1.45 -4.55 6.98
N PRO A 31 0.84 -5.10 5.93
CA PRO A 31 -0.45 -5.79 6.07
C PRO A 31 -0.34 -7.14 6.73
N ARG A 32 0.87 -7.64 6.84
CA ARG A 32 1.12 -8.86 7.55
C ARG A 32 1.26 -8.50 9.02
N ILE A 33 1.26 -7.21 9.27
CA ILE A 33 1.28 -6.70 10.64
C ILE A 33 0.09 -5.77 10.88
N SER B 1 -6.72 1.89 -12.10
CA SER B 1 -5.26 1.75 -12.26
C SER B 1 -4.52 2.86 -11.50
N ASP B 2 -5.26 3.70 -10.79
CA ASP B 2 -4.65 4.81 -10.07
C ASP B 2 -4.72 4.58 -8.57
N PRO B 3 -3.54 4.43 -7.92
CA PRO B 3 -3.45 4.22 -6.48
C PRO B 3 -3.34 5.52 -5.70
N GLY B 4 -4.00 5.56 -4.55
CA GLY B 4 -3.97 6.72 -3.70
C GLY B 4 -2.83 6.66 -2.71
N PRO B 6 -0.80 7.75 0.98
CA PRO B 6 -1.10 7.81 2.41
C PRO B 6 -0.83 9.19 2.99
N PHE B 7 -1.66 9.62 3.93
CA PHE B 7 -1.51 10.93 4.54
C PHE B 7 -1.12 10.78 6.01
N GLN B 8 -0.78 11.90 6.63
CA GLN B 8 -0.39 11.91 8.03
C GLN B 8 -1.60 12.25 8.89
N GLU A 1 7.26 -8.71 5.51
CA GLU A 1 6.86 -9.64 4.44
C GLU A 1 5.35 -9.72 4.32
N LEU A 2 4.83 -9.42 3.14
CA LEU A 2 3.39 -9.36 2.95
C LEU A 2 2.83 -10.69 2.48
N PRO A 3 1.56 -10.91 2.79
CA PRO A 3 0.74 -11.92 2.12
C PRO A 3 0.45 -11.50 0.69
N GLU A 4 -0.17 -12.40 -0.02
CA GLU A 4 -0.50 -12.19 -1.41
C GLU A 4 -1.59 -11.12 -1.57
N GLY A 5 -1.46 -10.32 -2.62
CA GLY A 5 -2.46 -9.31 -2.93
C GLY A 5 -2.06 -7.92 -2.49
N TYR A 6 -0.82 -7.74 -2.05
CA TYR A 6 -0.36 -6.42 -1.63
C TYR A 6 0.60 -5.84 -2.64
N GLU A 7 0.18 -4.73 -3.23
CA GLU A 7 1.02 -3.96 -4.14
C GLU A 7 1.80 -2.93 -3.33
N GLN A 8 3.09 -3.10 -3.23
CA GLN A 8 3.92 -2.15 -2.51
C GLN A 8 4.38 -1.08 -3.48
N ARG A 9 3.75 0.07 -3.41
CA ARG A 9 4.08 1.15 -4.32
C ARG A 9 5.00 2.16 -3.69
N THR A 10 5.81 2.73 -4.55
CA THR A 10 6.79 3.72 -4.14
C THR A 10 6.58 5.01 -4.93
N THR A 11 5.81 5.92 -4.34
CA THR A 11 5.52 7.21 -4.96
C THR A 11 6.50 8.27 -4.44
N VAL A 12 6.77 9.27 -5.30
CA VAL A 12 7.73 10.35 -5.04
C VAL A 12 7.71 10.90 -3.62
N GLN A 13 6.58 10.78 -2.92
CA GLN A 13 6.48 11.23 -1.53
C GLN A 13 7.57 10.57 -0.66
N GLY A 14 8.11 9.44 -1.13
CA GLY A 14 9.24 8.82 -0.47
C GLY A 14 8.83 7.86 0.62
N GLN A 15 7.59 7.40 0.57
CA GLN A 15 7.05 6.50 1.59
C GLN A 15 6.42 5.29 0.94
N VAL A 16 6.57 4.13 1.56
CA VAL A 16 6.00 2.90 1.02
C VAL A 16 4.60 2.67 1.59
N TYR A 17 3.67 2.29 0.71
CA TYR A 17 2.29 2.08 1.11
C TYR A 17 1.77 0.79 0.50
N PHE A 18 1.05 0.02 1.30
CA PHE A 18 0.60 -1.29 0.87
C PHE A 18 -0.78 -1.22 0.24
N LEU A 19 -0.83 -1.57 -1.03
CA LEU A 19 -2.04 -1.46 -1.83
C LEU A 19 -2.65 -2.84 -2.09
N HIS A 20 -3.62 -3.21 -1.28
CA HIS A 20 -4.43 -4.38 -1.57
C HIS A 20 -5.79 -3.93 -2.03
N THR A 21 -5.98 -3.73 -3.32
CA THR A 21 -7.28 -3.29 -3.71
C THR A 21 -8.13 -4.48 -4.13
N GLN A 22 -8.77 -5.02 -3.11
CA GLN A 22 -10.04 -5.71 -3.22
C GLN A 22 -11.09 -4.73 -2.74
N THR A 23 -10.78 -4.19 -1.56
CA THR A 23 -11.60 -3.21 -0.89
C THR A 23 -11.10 -1.82 -1.13
N GLY A 24 -9.95 -1.90 -1.60
CA GLY A 24 -9.09 -0.75 -1.80
C GLY A 24 -8.27 -0.41 -0.57
N VAL A 25 -7.26 -1.22 -0.28
CA VAL A 25 -6.34 -0.91 0.81
C VAL A 25 -5.15 -0.09 0.34
N SER A 26 -4.96 1.03 1.00
CA SER A 26 -3.74 1.83 0.88
C SER A 26 -3.33 2.28 2.27
N THR A 27 -2.41 1.56 2.86
CA THR A 27 -2.12 1.73 4.28
C THR A 27 -0.62 1.75 4.56
N TRP A 28 -0.26 2.47 5.60
CA TRP A 28 1.14 2.59 6.02
C TRP A 28 1.64 1.30 6.65
N HIS A 29 0.80 0.65 7.44
CA HIS A 29 1.22 -0.51 8.20
C HIS A 29 1.29 -1.74 7.31
N ASP A 30 2.34 -2.53 7.47
CA ASP A 30 2.43 -3.83 6.84
C ASP A 30 1.22 -4.65 7.29
N PRO A 31 0.42 -5.17 6.36
CA PRO A 31 -0.80 -5.89 6.70
C PRO A 31 -0.52 -7.23 7.35
N ARG A 32 0.72 -7.67 7.26
CA ARG A 32 1.15 -8.86 7.95
C ARG A 32 1.36 -8.53 9.42
N ILE A 33 1.34 -7.23 9.69
CA ILE A 33 1.55 -6.74 11.05
C ILE A 33 0.41 -5.81 11.49
N SER B 1 -6.86 4.30 -13.38
CA SER B 1 -5.84 3.33 -12.94
C SER B 1 -4.91 3.97 -11.91
N ASP B 2 -5.38 5.06 -11.30
CA ASP B 2 -4.53 5.86 -10.42
C ASP B 2 -4.79 5.51 -8.97
N PRO B 3 -3.78 4.99 -8.26
CA PRO B 3 -3.85 4.79 -6.82
C PRO B 3 -3.34 6.02 -6.08
N GLY B 4 -3.96 6.31 -4.95
CA GLY B 4 -3.54 7.46 -4.18
C GLY B 4 -2.46 7.12 -3.19
N PRO B 6 -0.50 7.71 0.62
CA PRO B 6 -0.87 7.82 2.02
C PRO B 6 -0.36 9.14 2.61
N PHE B 7 -1.12 9.72 3.50
CA PHE B 7 -0.74 10.97 4.14
C PHE B 7 -0.56 10.76 5.63
N GLN B 8 0.38 11.49 6.22
CA GLN B 8 0.67 11.38 7.63
C GLN B 8 -0.24 12.31 8.43
N GLU A 1 8.07 -9.62 3.77
CA GLU A 1 7.16 -9.92 2.65
C GLU A 1 5.73 -10.07 3.16
N LEU A 2 4.78 -9.54 2.41
CA LEU A 2 3.39 -9.51 2.84
C LEU A 2 2.66 -10.75 2.34
N PRO A 3 1.41 -10.94 2.78
CA PRO A 3 0.50 -11.92 2.17
C PRO A 3 0.10 -11.51 0.77
N GLU A 4 -0.54 -12.42 0.11
CA GLU A 4 -0.85 -12.27 -1.30
C GLU A 4 -1.90 -11.19 -1.52
N GLY A 5 -1.70 -10.39 -2.56
CA GLY A 5 -2.63 -9.33 -2.88
C GLY A 5 -2.18 -7.96 -2.42
N TYR A 6 -1.04 -7.87 -1.74
CA TYR A 6 -0.53 -6.57 -1.33
C TYR A 6 0.50 -6.04 -2.30
N GLU A 7 0.16 -4.93 -2.91
CA GLU A 7 1.02 -4.24 -3.84
C GLU A 7 1.86 -3.22 -3.07
N GLN A 8 3.15 -3.47 -2.99
CA GLN A 8 4.04 -2.53 -2.33
C GLN A 8 4.55 -1.52 -3.33
N ARG A 9 3.98 -0.33 -3.27
CA ARG A 9 4.36 0.73 -4.20
C ARG A 9 5.16 1.82 -3.53
N THR A 10 6.04 2.41 -4.33
CA THR A 10 6.94 3.44 -3.88
C THR A 10 6.70 4.71 -4.67
N THR A 11 6.36 5.79 -3.98
CA THR A 11 6.04 7.04 -4.63
C THR A 11 7.11 8.09 -4.36
N VAL A 12 7.27 9.00 -5.31
CA VAL A 12 8.19 10.12 -5.19
C VAL A 12 7.99 10.87 -3.87
N GLN A 13 6.79 10.73 -3.32
CA GLN A 13 6.46 11.30 -2.00
C GLN A 13 7.48 10.86 -0.95
N GLY A 14 8.11 9.71 -1.17
CA GLY A 14 9.18 9.26 -0.32
C GLY A 14 8.76 8.15 0.61
N GLN A 15 7.57 7.61 0.40
CA GLN A 15 7.03 6.60 1.32
C GLN A 15 6.68 5.30 0.61
N VAL A 16 6.80 4.21 1.37
CA VAL A 16 6.25 2.93 0.98
C VAL A 16 4.84 2.84 1.53
N TYR A 17 3.90 2.43 0.70
CA TYR A 17 2.53 2.31 1.16
C TYR A 17 1.93 0.99 0.68
N PHE A 18 1.16 0.37 1.55
CA PHE A 18 0.62 -0.95 1.24
C PHE A 18 -0.71 -0.86 0.54
N LEU A 19 -0.68 -1.26 -0.71
CA LEU A 19 -1.84 -1.28 -1.55
C LEU A 19 -2.39 -2.69 -1.60
N HIS A 20 -3.69 -2.80 -1.60
CA HIS A 20 -4.34 -4.07 -1.85
C HIS A 20 -5.66 -3.81 -2.48
N THR A 21 -5.75 -3.80 -3.80
CA THR A 21 -7.04 -3.55 -4.36
C THR A 21 -7.79 -4.85 -4.56
N GLN A 22 -8.48 -5.20 -3.48
CA GLN A 22 -9.73 -5.92 -3.52
C GLN A 22 -10.80 -4.89 -3.29
N THR A 23 -10.59 -4.18 -2.18
CA THR A 23 -11.47 -3.14 -1.70
C THR A 23 -10.99 -1.78 -2.04
N GLY A 24 -9.79 -1.87 -2.41
CA GLY A 24 -8.93 -0.73 -2.64
C GLY A 24 -8.24 -0.24 -1.37
N VAL A 25 -7.28 -1.01 -0.88
CA VAL A 25 -6.53 -0.62 0.32
C VAL A 25 -5.29 0.19 0.00
N SER A 26 -5.14 1.26 0.76
CA SER A 26 -3.90 2.05 0.79
C SER A 26 -3.68 2.54 2.21
N THR A 27 -2.75 1.92 2.92
CA THR A 27 -2.61 2.17 4.34
C THR A 27 -1.15 2.23 4.78
N TRP A 28 -0.90 3.01 5.82
CA TRP A 28 0.43 3.13 6.40
C TRP A 28 0.87 1.85 7.10
N HIS A 29 -0.08 1.06 7.58
CA HIS A 29 0.27 -0.10 8.38
C HIS A 29 0.58 -1.31 7.51
N ASP A 30 1.70 -1.96 7.82
CA ASP A 30 2.04 -3.23 7.20
C ASP A 30 1.00 -4.27 7.60
N PRO A 31 0.38 -4.94 6.63
CA PRO A 31 -0.67 -5.92 6.91
C PRO A 31 -0.13 -7.27 7.34
N ARG A 32 1.15 -7.48 7.13
CA ARG A 32 1.81 -8.66 7.62
C ARG A 32 2.03 -8.51 9.10
N ILE A 33 1.83 -7.29 9.56
CA ILE A 33 1.97 -6.98 10.97
C ILE A 33 0.65 -6.46 11.55
N SER B 1 -6.08 3.76 -13.88
CA SER B 1 -6.10 3.16 -12.53
C SER B 1 -5.10 3.87 -11.63
N ASP B 2 -5.61 4.69 -10.72
CA ASP B 2 -4.74 5.48 -9.85
C ASP B 2 -4.98 5.13 -8.39
N PRO B 3 -3.90 4.80 -7.67
CA PRO B 3 -3.95 4.45 -6.26
C PRO B 3 -3.80 5.65 -5.35
N GLY B 4 -4.30 5.53 -4.14
CA GLY B 4 -4.23 6.62 -3.20
C GLY B 4 -2.97 6.58 -2.37
N PRO B 6 -0.62 7.72 1.09
CA PRO B 6 -0.74 7.83 2.55
C PRO B 6 -0.43 9.23 3.02
N PHE B 7 -1.24 9.75 3.94
CA PHE B 7 -1.05 11.09 4.46
C PHE B 7 -0.14 11.05 5.68
N GLN B 8 1.02 11.68 5.57
CA GLN B 8 1.97 11.72 6.67
C GLN B 8 2.00 13.12 7.29
N GLU A 1 7.37 -10.54 4.19
CA GLU A 1 6.37 -11.22 3.34
C GLU A 1 4.96 -10.75 3.69
N LEU A 2 4.15 -10.51 2.67
CA LEU A 2 2.78 -10.08 2.86
C LEU A 2 1.86 -11.24 2.53
N PRO A 3 0.57 -11.11 2.86
CA PRO A 3 -0.47 -11.93 2.24
C PRO A 3 -0.62 -11.50 0.80
N GLU A 4 -1.16 -12.39 -0.01
CA GLU A 4 -1.18 -12.17 -1.44
C GLU A 4 -2.14 -11.05 -1.82
N GLY A 5 -1.72 -10.28 -2.83
CA GLY A 5 -2.50 -9.17 -3.32
C GLY A 5 -2.03 -7.81 -2.81
N TYR A 6 -0.89 -7.76 -2.12
CA TYR A 6 -0.33 -6.47 -1.70
C TYR A 6 0.81 -6.06 -2.61
N GLU A 7 0.65 -4.90 -3.23
CA GLU A 7 1.71 -4.31 -4.02
C GLU A 7 2.33 -3.15 -3.24
N GLN A 8 3.64 -3.18 -3.08
CA GLN A 8 4.32 -2.12 -2.37
C GLN A 8 4.72 -1.03 -3.35
N ARG A 9 4.04 0.10 -3.28
CA ARG A 9 4.36 1.19 -4.16
C ARG A 9 5.22 2.22 -3.48
N THR A 10 6.23 2.59 -4.20
CA THR A 10 7.25 3.51 -3.73
C THR A 10 7.16 4.80 -4.53
N THR A 11 6.49 5.77 -3.96
CA THR A 11 6.17 7.00 -4.65
C THR A 11 7.23 8.07 -4.39
N VAL A 12 7.41 8.95 -5.38
CA VAL A 12 8.35 10.07 -5.28
C VAL A 12 8.13 10.95 -4.06
N GLN A 13 6.97 10.79 -3.44
CA GLN A 13 6.66 11.46 -2.17
C GLN A 13 7.67 11.07 -1.10
N GLY A 14 8.40 9.99 -1.35
CA GLY A 14 9.43 9.54 -0.45
C GLY A 14 8.87 8.62 0.61
N GLN A 15 7.93 7.77 0.20
CA GLN A 15 7.22 6.92 1.15
C GLN A 15 6.79 5.61 0.50
N VAL A 16 6.95 4.51 1.24
CA VAL A 16 6.43 3.22 0.83
C VAL A 16 5.03 3.04 1.38
N TYR A 17 4.11 2.60 0.55
CA TYR A 17 2.75 2.40 1.00
C TYR A 17 2.19 1.08 0.47
N PHE A 18 1.50 0.36 1.33
CA PHE A 18 1.03 -0.98 0.99
C PHE A 18 -0.34 -0.93 0.35
N LEU A 19 -0.38 -1.39 -0.88
CA LEU A 19 -1.56 -1.31 -1.70
C LEU A 19 -2.17 -2.67 -1.92
N HIS A 20 -3.38 -2.86 -1.46
CA HIS A 20 -4.16 -4.04 -1.78
C HIS A 20 -5.54 -3.62 -2.19
N THR A 21 -5.78 -3.48 -3.48
CA THR A 21 -7.11 -3.11 -3.82
C THR A 21 -7.94 -4.35 -4.14
N GLN A 22 -8.52 -4.88 -3.07
CA GLN A 22 -9.77 -5.59 -3.10
C GLN A 22 -10.81 -4.62 -2.60
N THR A 23 -10.46 -4.07 -1.42
CA THR A 23 -11.26 -3.11 -0.72
C THR A 23 -10.79 -1.72 -0.95
N GLY A 24 -9.65 -1.76 -1.46
CA GLY A 24 -8.81 -0.61 -1.67
C GLY A 24 -7.99 -0.25 -0.44
N VAL A 25 -6.96 -1.03 -0.17
CA VAL A 25 -6.01 -0.69 0.90
C VAL A 25 -4.85 0.16 0.41
N SER A 26 -4.70 1.30 1.05
CA SER A 26 -3.49 2.10 0.98
C SER A 26 -3.11 2.53 2.39
N THR A 27 -2.14 1.85 2.97
CA THR A 27 -1.87 2.03 4.38
C THR A 27 -0.38 2.14 4.68
N TRP A 28 -0.06 2.88 5.73
CA TRP A 28 1.31 3.08 6.18
C TRP A 28 1.90 1.82 6.78
N HIS A 29 1.07 1.07 7.49
CA HIS A 29 1.55 -0.09 8.21
C HIS A 29 1.58 -1.30 7.28
N ASP A 30 2.62 -2.10 7.41
CA ASP A 30 2.67 -3.39 6.73
C ASP A 30 1.44 -4.18 7.12
N PRO A 31 0.66 -4.68 6.16
CA PRO A 31 -0.60 -5.34 6.46
C PRO A 31 -0.41 -6.71 7.11
N ARG A 32 0.79 -7.22 7.03
CA ARG A 32 1.14 -8.45 7.69
C ARG A 32 1.33 -8.19 9.18
N ILE A 33 1.31 -6.92 9.49
CA ILE A 33 1.40 -6.45 10.88
C ILE A 33 0.03 -6.57 11.55
N SER B 1 -5.75 2.56 -13.57
CA SER B 1 -6.36 3.19 -12.38
C SER B 1 -5.29 3.78 -11.48
N ASP B 2 -5.55 4.96 -10.93
CA ASP B 2 -4.60 5.61 -10.03
C ASP B 2 -4.87 5.19 -8.60
N PRO B 3 -3.82 4.78 -7.88
CA PRO B 3 -3.93 4.37 -6.49
C PRO B 3 -3.76 5.53 -5.53
N GLY B 4 -4.23 5.35 -4.32
CA GLY B 4 -4.14 6.41 -3.34
C GLY B 4 -2.86 6.34 -2.54
N PRO B 6 -0.54 7.74 0.82
CA PRO B 6 -0.84 7.87 2.26
C PRO B 6 -0.60 9.29 2.74
N PHE B 7 -1.64 9.87 3.34
CA PHE B 7 -1.59 11.22 3.88
C PHE B 7 -1.87 11.18 5.38
N GLN B 8 -2.00 9.97 5.90
CA GLN B 8 -2.27 9.75 7.32
C GLN B 8 -1.17 10.38 8.17
N GLU A 1 7.82 -10.46 4.21
CA GLU A 1 6.97 -10.83 3.06
C GLU A 1 5.51 -10.70 3.45
N LEU A 2 4.73 -10.03 2.60
CA LEU A 2 3.33 -9.79 2.90
C LEU A 2 2.49 -10.95 2.37
N PRO A 3 1.20 -10.97 2.73
CA PRO A 3 0.23 -11.83 2.06
C PRO A 3 -0.02 -11.33 0.65
N GLU A 4 -0.51 -12.20 -0.19
CA GLU A 4 -0.68 -11.91 -1.60
C GLU A 4 -1.80 -10.88 -1.81
N GLY A 5 -1.63 -10.09 -2.87
CA GLY A 5 -2.60 -9.06 -3.19
C GLY A 5 -2.16 -7.67 -2.73
N TYR A 6 -1.09 -7.59 -1.96
CA TYR A 6 -0.56 -6.30 -1.53
C TYR A 6 0.63 -5.90 -2.38
N GLU A 7 0.55 -4.74 -2.98
CA GLU A 7 1.70 -4.15 -3.65
C GLU A 7 2.17 -2.95 -2.84
N GLN A 8 3.44 -2.94 -2.49
CA GLN A 8 4.01 -1.81 -1.75
C GLN A 8 4.53 -0.80 -2.77
N ARG A 9 3.84 0.33 -2.88
CA ARG A 9 4.20 1.28 -3.92
C ARG A 9 5.20 2.29 -3.48
N THR A 10 6.10 2.54 -4.39
CA THR A 10 7.17 3.51 -4.20
C THR A 10 6.86 4.77 -5.00
N THR A 11 6.19 5.69 -4.37
CA THR A 11 5.74 6.91 -5.02
C THR A 11 6.63 8.08 -4.61
N VAL A 12 6.77 9.05 -5.52
CA VAL A 12 7.69 10.19 -5.37
C VAL A 12 7.70 10.81 -3.97
N GLN A 13 6.59 10.71 -3.24
CA GLN A 13 6.50 11.22 -1.87
C GLN A 13 7.59 10.64 -0.97
N GLY A 14 8.12 9.47 -1.35
CA GLY A 14 9.22 8.86 -0.65
C GLY A 14 8.79 8.12 0.60
N GLN A 15 7.70 7.36 0.50
CA GLN A 15 7.16 6.63 1.65
C GLN A 15 6.64 5.27 1.19
N VAL A 16 6.74 4.28 2.07
CA VAL A 16 6.25 2.94 1.77
C VAL A 16 4.78 2.80 2.18
N TYR A 17 3.92 2.61 1.19
CA TYR A 17 2.49 2.48 1.45
C TYR A 17 1.96 1.20 0.81
N PHE A 18 1.21 0.42 1.57
CA PHE A 18 0.73 -0.89 1.13
C PHE A 18 -0.61 -0.76 0.43
N LEU A 19 -0.67 -1.29 -0.78
CA LEU A 19 -1.87 -1.21 -1.58
C LEU A 19 -2.41 -2.60 -1.90
N HIS A 20 -3.63 -2.86 -1.49
CA HIS A 20 -4.34 -4.09 -1.86
C HIS A 20 -5.74 -3.74 -2.26
N THR A 21 -6.01 -3.60 -3.53
CA THR A 21 -7.36 -3.26 -3.87
C THR A 21 -8.17 -4.51 -4.18
N GLN A 22 -8.73 -5.05 -3.12
CA GLN A 22 -9.95 -5.82 -3.15
C GLN A 22 -11.05 -4.89 -2.66
N THR A 23 -10.75 -4.33 -1.49
CA THR A 23 -11.62 -3.41 -0.79
C THR A 23 -11.21 -2.00 -0.99
N GLY A 24 -10.08 -1.99 -1.48
CA GLY A 24 -9.27 -0.80 -1.62
C GLY A 24 -8.42 -0.50 -0.39
N VAL A 25 -7.37 -1.30 -0.18
CA VAL A 25 -6.42 -1.04 0.90
C VAL A 25 -5.28 -0.15 0.44
N SER A 26 -5.06 0.91 1.20
CA SER A 26 -3.89 1.76 1.06
C SER A 26 -3.54 2.31 2.43
N THR A 27 -2.51 1.74 3.02
CA THR A 27 -2.21 2.01 4.42
C THR A 27 -0.70 1.91 4.69
N TRP A 28 -0.24 2.67 5.68
CA TRP A 28 1.16 2.67 6.05
C TRP A 28 1.56 1.36 6.73
N HIS A 29 0.65 0.80 7.52
CA HIS A 29 0.97 -0.38 8.30
C HIS A 29 1.00 -1.61 7.41
N ASP A 30 2.07 -2.38 7.51
CA ASP A 30 2.16 -3.67 6.85
C ASP A 30 1.02 -4.55 7.35
N PRO A 31 0.20 -5.08 6.47
CA PRO A 31 -0.88 -5.97 6.85
C PRO A 31 -0.36 -7.30 7.36
N ARG A 32 0.90 -7.55 7.09
CA ARG A 32 1.58 -8.71 7.63
C ARG A 32 1.92 -8.46 9.08
N ILE A 33 1.74 -7.23 9.49
CA ILE A 33 1.98 -6.84 10.88
C ILE A 33 0.73 -6.23 11.51
N SER B 1 -7.51 3.59 -12.59
CA SER B 1 -6.18 3.07 -12.99
C SER B 1 -5.06 3.78 -12.21
N ASP B 2 -5.44 4.57 -11.21
CA ASP B 2 -4.49 5.38 -10.48
C ASP B 2 -4.74 5.29 -8.98
N PRO B 3 -3.74 4.84 -8.21
CA PRO B 3 -3.84 4.77 -6.76
C PRO B 3 -3.27 6.02 -6.08
N GLY B 4 -3.90 6.42 -4.99
CA GLY B 4 -3.44 7.58 -4.27
C GLY B 4 -2.43 7.22 -3.21
N PRO B 6 -0.45 7.84 0.60
CA PRO B 6 -0.78 8.18 1.99
C PRO B 6 -0.01 9.41 2.46
N PHE B 7 -0.59 10.16 3.38
CA PHE B 7 0.07 11.33 3.94
C PHE B 7 0.01 11.31 5.46
N GLN B 8 -1.16 11.02 5.99
CA GLN B 8 -1.36 10.93 7.42
C GLN B 8 -1.53 9.48 7.84
N GLU A 1 7.91 -9.24 4.18
CA GLU A 1 7.16 -10.22 3.35
C GLU A 1 5.68 -10.12 3.63
N LEU A 2 4.89 -9.86 2.59
CA LEU A 2 3.47 -9.63 2.77
C LEU A 2 2.70 -10.91 2.49
N PRO A 3 1.45 -10.95 2.97
CA PRO A 3 0.48 -11.96 2.56
C PRO A 3 0.05 -11.73 1.12
N GLU A 4 -0.73 -12.65 0.65
CA GLU A 4 -1.18 -12.66 -0.73
C GLU A 4 -2.14 -11.52 -1.01
N GLY A 5 -1.82 -10.73 -2.05
CA GLY A 5 -2.68 -9.65 -2.47
C GLY A 5 -2.23 -8.29 -1.98
N TYR A 6 -0.94 -7.96 -2.15
CA TYR A 6 -0.45 -6.64 -1.77
C TYR A 6 0.59 -6.13 -2.76
N GLU A 7 0.32 -4.95 -3.31
CA GLU A 7 1.25 -4.28 -4.18
C GLU A 7 2.00 -3.20 -3.40
N GLN A 8 3.33 -3.25 -3.40
CA GLN A 8 4.11 -2.27 -2.68
C GLN A 8 4.42 -1.09 -3.59
N ARG A 9 3.81 0.05 -3.30
CA ARG A 9 3.99 1.24 -4.13
C ARG A 9 5.08 2.15 -3.64
N THR A 10 5.65 2.83 -4.61
CA THR A 10 6.78 3.72 -4.41
C THR A 10 6.51 5.06 -5.08
N THR A 11 6.01 6.00 -4.30
CA THR A 11 5.71 7.34 -4.80
C THR A 11 6.90 8.27 -4.53
N VAL A 12 7.06 9.27 -5.40
CA VAL A 12 8.16 10.24 -5.31
C VAL A 12 8.22 10.88 -3.93
N GLN A 13 7.09 10.82 -3.23
CA GLN A 13 6.98 11.31 -1.86
C GLN A 13 8.03 10.67 -0.96
N GLY A 14 8.51 9.50 -1.37
CA GLY A 14 9.54 8.80 -0.62
C GLY A 14 8.94 7.95 0.48
N GLN A 15 7.80 7.35 0.20
CA GLN A 15 7.08 6.56 1.18
C GLN A 15 6.47 5.33 0.53
N VAL A 16 6.70 4.17 1.14
CA VAL A 16 6.11 2.93 0.67
C VAL A 16 4.76 2.69 1.32
N TYR A 17 3.75 2.51 0.50
CA TYR A 17 2.40 2.31 1.00
C TYR A 17 1.79 1.07 0.37
N PHE A 18 1.10 0.28 1.19
CA PHE A 18 0.66 -1.03 0.77
C PHE A 18 -0.71 -1.00 0.13
N LEU A 19 -0.75 -1.43 -1.12
CA LEU A 19 -1.97 -1.44 -1.90
C LEU A 19 -2.55 -2.84 -2.03
N HIS A 20 -3.67 -3.05 -1.38
CA HIS A 20 -4.49 -4.23 -1.64
C HIS A 20 -5.82 -3.76 -2.15
N THR A 21 -6.02 -3.70 -3.44
CA THR A 21 -7.30 -3.22 -3.86
C THR A 21 -8.24 -4.40 -4.09
N GLN A 22 -8.88 -4.76 -2.99
CA GLN A 22 -10.18 -5.38 -2.97
C GLN A 22 -11.16 -4.28 -2.60
N THR A 23 -10.81 -3.67 -1.46
CA THR A 23 -11.58 -2.62 -0.82
C THR A 23 -11.03 -1.27 -1.12
N GLY A 24 -9.90 -1.41 -1.59
CA GLY A 24 -8.98 -0.31 -1.85
C GLY A 24 -8.11 0.02 -0.65
N VAL A 25 -7.16 -0.86 -0.33
CA VAL A 25 -6.23 -0.59 0.77
C VAL A 25 -4.98 0.16 0.30
N SER A 26 -4.76 1.28 0.95
CA SER A 26 -3.48 2.00 0.87
C SER A 26 -3.12 2.46 2.27
N THR A 27 -2.29 1.68 2.94
CA THR A 27 -2.06 1.87 4.36
C THR A 27 -0.58 1.88 4.68
N TRP A 28 -0.23 2.61 5.73
CA TRP A 28 1.14 2.70 6.20
C TRP A 28 1.65 1.36 6.72
N HIS A 29 0.92 0.79 7.65
CA HIS A 29 1.35 -0.46 8.28
C HIS A 29 1.37 -1.58 7.26
N ASP A 30 2.46 -2.33 7.27
CA ASP A 30 2.54 -3.58 6.52
C ASP A 30 1.35 -4.44 6.92
N PRO A 31 0.58 -4.95 5.97
CA PRO A 31 -0.61 -5.75 6.28
C PRO A 31 -0.27 -7.09 6.90
N ARG A 32 0.99 -7.46 6.79
CA ARG A 32 1.49 -8.63 7.49
C ARG A 32 1.59 -8.29 8.97
N ILE A 33 1.53 -6.99 9.24
CA ILE A 33 1.57 -6.47 10.60
C ILE A 33 0.41 -5.49 10.83
N SER B 1 -6.65 3.26 -12.26
CA SER B 1 -5.28 2.72 -12.20
C SER B 1 -4.36 3.59 -11.35
N ASP B 2 -4.87 4.73 -10.89
CA ASP B 2 -4.09 5.65 -10.08
C ASP B 2 -4.29 5.37 -8.60
N PRO B 3 -3.22 5.03 -7.88
CA PRO B 3 -3.27 4.75 -6.45
C PRO B 3 -3.07 5.99 -5.60
N GLY B 4 -3.74 6.00 -4.46
CA GLY B 4 -3.63 7.12 -3.56
C GLY B 4 -2.49 6.97 -2.57
N PRO B 6 -0.52 7.91 1.16
CA PRO B 6 -0.87 7.95 2.59
C PRO B 6 -0.59 9.34 3.18
N PHE B 7 -1.67 10.03 3.55
CA PHE B 7 -1.55 11.40 4.05
C PHE B 7 -1.74 11.44 5.56
N GLN B 8 -2.07 10.30 6.15
CA GLN B 8 -2.24 10.20 7.59
C GLN B 8 -1.25 9.20 8.15
N GLU A 1 8.04 -10.33 4.16
CA GLU A 1 7.10 -10.92 3.19
C GLU A 1 5.67 -10.67 3.62
N LEU A 2 4.86 -10.13 2.72
CA LEU A 2 3.46 -9.88 3.02
C LEU A 2 2.62 -11.04 2.52
N PRO A 3 1.33 -11.06 2.85
CA PRO A 3 0.37 -11.96 2.20
C PRO A 3 0.14 -11.52 0.76
N GLU A 4 -0.36 -12.43 -0.03
CA GLU A 4 -0.53 -12.20 -1.47
C GLU A 4 -1.63 -11.17 -1.72
N GLY A 5 -1.40 -10.33 -2.74
CA GLY A 5 -2.37 -9.31 -3.10
C GLY A 5 -2.02 -7.93 -2.57
N TYR A 6 -0.83 -7.76 -2.02
CA TYR A 6 -0.39 -6.45 -1.57
C TYR A 6 0.71 -5.92 -2.47
N GLU A 7 0.41 -4.90 -3.24
CA GLU A 7 1.42 -4.24 -4.04
C GLU A 7 2.05 -3.12 -3.24
N GLN A 8 3.32 -3.25 -2.96
CA GLN A 8 4.05 -2.25 -2.19
C GLN A 8 4.63 -1.22 -3.14
N ARG A 9 4.09 -0.01 -3.11
CA ARG A 9 4.43 0.98 -4.12
C ARG A 9 5.44 1.97 -3.63
N THR A 10 6.20 2.44 -4.60
CA THR A 10 7.24 3.43 -4.40
C THR A 10 6.88 4.72 -5.13
N THR A 11 6.47 5.72 -4.37
CA THR A 11 5.99 6.97 -4.95
C THR A 11 6.90 8.13 -4.56
N VAL A 12 6.97 9.12 -5.44
CA VAL A 12 7.85 10.29 -5.28
C VAL A 12 7.75 10.96 -3.91
N GLN A 13 6.62 10.81 -3.23
CA GLN A 13 6.45 11.38 -1.89
C GLN A 13 7.53 10.86 -0.93
N GLY A 14 8.12 9.73 -1.26
CA GLY A 14 9.23 9.20 -0.48
C GLY A 14 8.80 8.21 0.59
N GLN A 15 7.58 7.72 0.49
CA GLN A 15 7.05 6.79 1.48
C GLN A 15 6.58 5.49 0.83
N VAL A 16 6.72 4.40 1.57
CA VAL A 16 6.18 3.11 1.15
C VAL A 16 4.76 2.95 1.68
N TYR A 17 3.87 2.46 0.84
CA TYR A 17 2.46 2.32 1.22
C TYR A 17 1.90 1.04 0.64
N PHE A 18 1.16 0.30 1.46
CA PHE A 18 0.68 -1.02 1.07
C PHE A 18 -0.67 -0.94 0.40
N LEU A 19 -0.74 -1.46 -0.80
CA LEU A 19 -1.94 -1.40 -1.60
C LEU A 19 -2.49 -2.80 -1.87
N HIS A 20 -3.65 -3.08 -1.33
CA HIS A 20 -4.39 -4.27 -1.69
C HIS A 20 -5.76 -3.87 -2.16
N THR A 21 -5.96 -3.73 -3.45
CA THR A 21 -7.29 -3.35 -3.85
C THR A 21 -8.11 -4.59 -4.20
N GLN A 22 -8.73 -5.11 -3.16
CA GLN A 22 -9.98 -5.82 -3.25
C GLN A 22 -11.04 -4.84 -2.79
N THR A 23 -10.77 -4.31 -1.60
CA THR A 23 -11.63 -3.35 -0.93
C THR A 23 -11.18 -1.95 -1.15
N GLY A 24 -10.01 -1.98 -1.61
CA GLY A 24 -9.19 -0.80 -1.82
C GLY A 24 -8.36 -0.44 -0.59
N VAL A 25 -7.34 -1.24 -0.30
CA VAL A 25 -6.42 -0.94 0.80
C VAL A 25 -5.25 -0.09 0.34
N SER A 26 -5.07 1.01 1.02
CA SER A 26 -3.84 1.81 0.97
C SER A 26 -3.55 2.32 2.36
N THR A 27 -2.64 1.66 3.04
CA THR A 27 -2.47 1.87 4.47
C THR A 27 -0.99 1.97 4.85
N TRP A 28 -0.73 2.73 5.90
CA TRP A 28 0.63 2.92 6.41
C TRP A 28 1.18 1.67 7.07
N HIS A 29 0.31 0.88 7.70
CA HIS A 29 0.76 -0.29 8.43
C HIS A 29 0.93 -1.48 7.48
N ASP A 30 2.04 -2.18 7.62
CA ASP A 30 2.22 -3.46 6.94
C ASP A 30 1.07 -4.38 7.34
N PRO A 31 0.32 -4.92 6.37
CA PRO A 31 -0.82 -5.78 6.68
C PRO A 31 -0.42 -7.11 7.25
N ARG A 32 0.85 -7.43 7.13
CA ARG A 32 1.42 -8.60 7.75
C ARG A 32 1.59 -8.34 9.24
N ILE A 33 1.44 -7.08 9.60
CA ILE A 33 1.55 -6.66 11.00
C ILE A 33 0.32 -5.86 11.44
N SER B 1 -7.96 4.60 -11.85
CA SER B 1 -6.97 3.62 -12.37
C SER B 1 -5.57 3.88 -11.79
N ASP B 2 -5.42 5.00 -11.09
CA ASP B 2 -4.17 5.32 -10.41
C ASP B 2 -4.40 5.38 -8.91
N PRO B 3 -3.42 4.94 -8.11
CA PRO B 3 -3.55 4.88 -6.66
C PRO B 3 -3.10 6.17 -5.98
N GLY B 4 -3.80 6.53 -4.92
CA GLY B 4 -3.43 7.68 -4.14
C GLY B 4 -2.47 7.33 -3.03
N PRO B 6 -0.36 7.89 0.73
CA PRO B 6 -0.65 8.10 2.14
C PRO B 6 0.01 9.37 2.65
N PHE B 7 -0.73 10.21 3.39
CA PHE B 7 -0.17 11.47 3.84
C PHE B 7 0.01 11.50 5.36
N GLN B 8 -0.82 10.73 6.06
CA GLN B 8 -0.73 10.64 7.51
C GLN B 8 -1.46 9.41 7.99
N GLU A 1 7.76 -9.48 2.82
CA GLU A 1 6.91 -10.67 2.61
C GLU A 1 5.50 -10.40 3.12
N LEU A 2 4.54 -10.40 2.21
CA LEU A 2 3.15 -10.08 2.55
C LEU A 2 2.23 -11.23 2.19
N PRO A 3 0.97 -11.15 2.62
CA PRO A 3 -0.11 -11.92 2.02
C PRO A 3 -0.38 -11.42 0.63
N GLU A 4 -1.07 -12.22 -0.12
CA GLU A 4 -1.24 -11.97 -1.55
C GLU A 4 -2.11 -10.76 -1.86
N GLY A 5 -1.70 -10.06 -2.90
CA GLY A 5 -2.47 -8.94 -3.43
C GLY A 5 -1.99 -7.56 -2.99
N TYR A 6 -0.95 -7.48 -2.18
CA TYR A 6 -0.46 -6.17 -1.73
C TYR A 6 0.56 -5.59 -2.71
N GLU A 7 0.26 -4.41 -3.20
CA GLU A 7 1.19 -3.67 -4.03
C GLU A 7 1.95 -2.68 -3.16
N GLN A 8 3.26 -2.89 -3.04
CA GLN A 8 4.09 -1.96 -2.30
C GLN A 8 4.60 -0.90 -3.25
N ARG A 9 3.94 0.25 -3.23
CA ARG A 9 4.33 1.36 -4.07
C ARG A 9 5.32 2.26 -3.39
N THR A 10 6.14 2.85 -4.22
CA THR A 10 7.17 3.76 -3.76
C THR A 10 7.06 5.07 -4.52
N THR A 11 6.31 5.99 -3.95
CA THR A 11 6.01 7.25 -4.59
C THR A 11 7.06 8.30 -4.26
N VAL A 12 7.26 9.23 -5.19
CA VAL A 12 8.17 10.36 -5.02
C VAL A 12 7.97 11.09 -3.69
N GLN A 13 6.79 10.91 -3.10
CA GLN A 13 6.48 11.46 -1.78
C GLN A 13 7.45 10.94 -0.72
N GLY A 14 8.13 9.83 -1.02
CA GLY A 14 9.12 9.28 -0.12
C GLY A 14 8.53 8.36 0.92
N GLN A 15 7.38 7.77 0.60
CA GLN A 15 6.65 6.95 1.56
C GLN A 15 6.36 5.56 1.00
N VAL A 16 6.62 4.56 1.82
CA VAL A 16 6.26 3.19 1.47
C VAL A 16 4.84 2.89 1.97
N TYR A 17 3.92 2.81 1.04
CA TYR A 17 2.51 2.68 1.40
C TYR A 17 1.95 1.38 0.82
N PHE A 18 1.27 0.61 1.67
CA PHE A 18 0.77 -0.71 1.28
C PHE A 18 -0.62 -0.61 0.70
N LEU A 19 -0.77 -1.08 -0.52
CA LEU A 19 -2.03 -0.96 -1.21
C LEU A 19 -2.50 -2.29 -1.76
N HIS A 20 -3.63 -2.76 -1.23
CA HIS A 20 -4.28 -3.96 -1.72
C HIS A 20 -5.70 -3.62 -2.10
N THR A 21 -5.95 -3.28 -3.35
CA THR A 21 -7.31 -2.97 -3.67
C THR A 21 -8.03 -4.20 -4.21
N GLN A 22 -8.57 -4.95 -3.27
CA GLN A 22 -9.74 -5.77 -3.46
C GLN A 22 -10.89 -4.98 -2.87
N THR A 23 -10.64 -4.55 -1.64
CA THR A 23 -11.58 -3.74 -0.87
C THR A 23 -11.22 -2.29 -0.94
N GLY A 24 -10.07 -2.20 -1.40
CA GLY A 24 -9.34 -0.95 -1.48
C GLY A 24 -8.53 -0.64 -0.24
N VAL A 25 -7.45 -1.40 -0.02
CA VAL A 25 -6.52 -1.10 1.07
C VAL A 25 -5.43 -0.16 0.62
N SER A 26 -5.24 0.87 1.40
CA SER A 26 -4.10 1.78 1.24
C SER A 26 -3.74 2.34 2.61
N THR A 27 -2.75 1.73 3.24
CA THR A 27 -2.45 2.00 4.63
C THR A 27 -0.96 1.97 4.91
N TRP A 28 -0.53 2.75 5.88
CA TRP A 28 0.87 2.81 6.26
C TRP A 28 1.35 1.52 6.90
N HIS A 29 0.52 0.95 7.78
CA HIS A 29 0.91 -0.24 8.51
C HIS A 29 1.09 -1.41 7.55
N ASP A 30 2.20 -2.11 7.70
CA ASP A 30 2.43 -3.34 6.97
C ASP A 30 1.28 -4.30 7.26
N PRO A 31 0.61 -4.81 6.23
CA PRO A 31 -0.56 -5.66 6.41
C PRO A 31 -0.19 -7.05 6.89
N ARG A 32 1.09 -7.36 6.77
CA ARG A 32 1.63 -8.56 7.35
C ARG A 32 1.70 -8.38 8.85
N ILE A 33 1.54 -7.14 9.28
CA ILE A 33 1.46 -6.80 10.69
C ILE A 33 0.15 -6.07 11.00
N SER B 1 -6.79 1.05 -12.32
CA SER B 1 -6.37 2.36 -12.87
C SER B 1 -5.05 2.78 -12.23
N ASP B 2 -5.12 3.62 -11.21
CA ASP B 2 -3.94 4.06 -10.49
C ASP B 2 -4.30 4.36 -9.03
N PRO B 3 -3.57 3.77 -8.09
CA PRO B 3 -3.82 3.93 -6.66
C PRO B 3 -3.10 5.13 -6.04
N GLY B 4 -3.81 5.80 -5.13
CA GLY B 4 -3.32 6.99 -4.49
C GLY B 4 -2.53 6.71 -3.22
N PRO B 6 -0.90 7.59 0.74
CA PRO B 6 -1.32 7.97 2.09
C PRO B 6 -0.67 9.27 2.56
N PHE B 7 -1.27 9.90 3.56
CA PHE B 7 -0.76 11.16 4.07
C PHE B 7 -0.35 11.00 5.53
N GLN B 8 0.91 11.30 5.82
CA GLN B 8 1.46 11.15 7.16
C GLN B 8 1.86 12.51 7.73
N GLU A 1 7.68 -11.43 3.81
CA GLU A 1 6.63 -11.74 2.82
C GLU A 1 5.26 -11.39 3.37
N LEU A 2 4.46 -10.71 2.56
CA LEU A 2 3.10 -10.34 2.93
C LEU A 2 2.15 -11.42 2.42
N PRO A 3 0.86 -11.31 2.74
CA PRO A 3 -0.16 -12.12 2.07
C PRO A 3 -0.33 -11.68 0.64
N GLU A 4 -0.94 -12.53 -0.14
CA GLU A 4 -1.06 -12.29 -1.58
C GLU A 4 -2.02 -11.14 -1.86
N GLY A 5 -1.65 -10.32 -2.84
CA GLY A 5 -2.48 -9.20 -3.24
C GLY A 5 -2.04 -7.86 -2.68
N TYR A 6 -0.87 -7.80 -2.06
CA TYR A 6 -0.33 -6.53 -1.59
C TYR A 6 0.78 -6.03 -2.51
N GLU A 7 0.60 -4.84 -3.03
CA GLU A 7 1.62 -4.20 -3.83
C GLU A 7 2.21 -3.02 -3.06
N GLN A 8 3.52 -3.04 -2.88
CA GLN A 8 4.20 -1.97 -2.17
C GLN A 8 4.61 -0.91 -3.19
N ARG A 9 4.05 0.28 -3.04
CA ARG A 9 4.34 1.34 -3.98
C ARG A 9 5.21 2.41 -3.40
N THR A 10 5.98 2.99 -4.29
CA THR A 10 6.89 4.05 -3.94
C THR A 10 6.61 5.28 -4.79
N THR A 11 5.76 6.15 -4.28
CA THR A 11 5.43 7.40 -4.95
C THR A 11 6.37 8.50 -4.49
N VAL A 12 6.62 9.46 -5.37
CA VAL A 12 7.57 10.57 -5.15
C VAL A 12 7.56 11.17 -3.75
N GLN A 13 6.43 11.05 -3.04
CA GLN A 13 6.34 11.52 -1.65
C GLN A 13 7.43 10.90 -0.78
N GLY A 14 7.96 9.75 -1.21
CA GLY A 14 9.08 9.13 -0.54
C GLY A 14 8.68 8.34 0.68
N GLN A 15 7.52 7.71 0.64
CA GLN A 15 7.02 6.93 1.76
C GLN A 15 6.44 5.62 1.27
N VAL A 16 6.57 4.58 2.08
CA VAL A 16 6.09 3.25 1.71
C VAL A 16 4.64 3.05 2.14
N TYR A 17 3.79 2.68 1.21
CA TYR A 17 2.38 2.45 1.50
C TYR A 17 1.94 1.12 0.89
N PHE A 18 1.24 0.32 1.69
CA PHE A 18 0.82 -1.00 1.25
C PHE A 18 -0.54 -0.94 0.58
N LEU A 19 -0.55 -1.33 -0.68
CA LEU A 19 -1.77 -1.29 -1.46
C LEU A 19 -2.30 -2.70 -1.69
N HIS A 20 -3.53 -2.91 -1.27
CA HIS A 20 -4.23 -4.15 -1.56
C HIS A 20 -5.62 -3.79 -2.00
N THR A 21 -5.84 -3.60 -3.28
CA THR A 21 -7.17 -3.25 -3.66
C THR A 21 -7.97 -4.49 -3.99
N GLN A 22 -8.56 -5.01 -2.93
CA GLN A 22 -9.78 -5.77 -2.96
C GLN A 22 -10.86 -4.82 -2.50
N THR A 23 -10.58 -4.29 -1.32
CA THR A 23 -11.44 -3.33 -0.65
C THR A 23 -11.01 -1.93 -0.91
N GLY A 24 -9.86 -1.97 -1.41
CA GLY A 24 -9.03 -0.80 -1.66
C GLY A 24 -8.21 -0.38 -0.46
N VAL A 25 -7.19 -1.18 -0.12
CA VAL A 25 -6.29 -0.83 0.97
C VAL A 25 -5.10 -0.01 0.50
N SER A 26 -4.88 1.09 1.18
CA SER A 26 -3.67 1.89 1.04
C SER A 26 -3.30 2.44 2.40
N THR A 27 -2.35 1.77 3.05
CA THR A 27 -2.06 2.08 4.44
C THR A 27 -0.56 2.07 4.72
N TRP A 28 -0.15 2.87 5.69
CA TRP A 28 1.24 2.96 6.09
C TRP A 28 1.71 1.67 6.78
N HIS A 29 0.79 0.99 7.46
CA HIS A 29 1.16 -0.15 8.28
C HIS A 29 1.27 -1.41 7.44
N ASP A 30 2.32 -2.18 7.68
CA ASP A 30 2.51 -3.48 7.04
C ASP A 30 1.28 -4.35 7.30
N PRO A 31 0.76 -5.01 6.27
CA PRO A 31 -0.47 -5.78 6.38
C PRO A 31 -0.28 -7.19 6.90
N ARG A 32 0.96 -7.63 6.92
CA ARG A 32 1.30 -8.92 7.47
C ARG A 32 1.39 -8.79 8.98
N ILE A 33 1.27 -7.55 9.39
CA ILE A 33 1.26 -7.20 10.80
C ILE A 33 -0.06 -7.62 11.43
N SER B 1 -6.21 3.00 -14.30
CA SER B 1 -5.89 2.55 -12.93
C SER B 1 -4.81 3.44 -12.31
N ASP B 2 -5.20 4.18 -11.29
CA ASP B 2 -4.28 5.06 -10.57
C ASP B 2 -4.62 5.10 -9.09
N PRO B 3 -3.68 4.67 -8.24
CA PRO B 3 -3.85 4.63 -6.80
C PRO B 3 -3.36 5.91 -6.12
N GLY B 4 -3.97 6.24 -4.99
CA GLY B 4 -3.58 7.42 -4.25
C GLY B 4 -2.50 7.12 -3.23
N PRO B 6 -0.62 7.94 0.61
CA PRO B 6 -1.00 8.16 2.01
C PRO B 6 -0.49 9.53 2.49
N PHE B 7 -1.35 10.30 3.12
CA PHE B 7 -0.93 11.60 3.61
C PHE B 7 -0.95 11.64 5.13
N GLN B 8 0.14 11.16 5.71
CA GLN B 8 0.32 11.12 7.15
C GLN B 8 -0.90 10.48 7.83
N GLU A 1 8.22 -8.70 3.20
CA GLU A 1 7.43 -9.95 3.14
C GLU A 1 5.99 -9.70 3.59
N LEU A 2 5.07 -9.74 2.64
CA LEU A 2 3.65 -9.55 2.97
C LEU A 2 2.88 -10.79 2.53
N PRO A 3 1.60 -10.89 2.90
CA PRO A 3 0.69 -11.84 2.26
C PRO A 3 0.39 -11.41 0.84
N GLU A 4 -0.11 -12.34 0.07
CA GLU A 4 -0.35 -12.11 -1.35
C GLU A 4 -1.50 -11.12 -1.55
N GLY A 5 -1.41 -10.35 -2.63
CA GLY A 5 -2.42 -9.36 -2.95
C GLY A 5 -2.03 -7.95 -2.55
N TYR A 6 -0.92 -7.80 -1.85
CA TYR A 6 -0.45 -6.47 -1.48
C TYR A 6 0.65 -6.02 -2.42
N GLU A 7 0.35 -5.00 -3.19
CA GLU A 7 1.34 -4.40 -4.05
C GLU A 7 2.03 -3.28 -3.28
N GLN A 8 3.34 -3.40 -3.13
CA GLN A 8 4.10 -2.40 -2.42
C GLN A 8 4.55 -1.35 -3.42
N ARG A 9 3.82 -0.26 -3.45
CA ARG A 9 4.06 0.79 -4.42
C ARG A 9 4.99 1.84 -3.88
N THR A 10 5.72 2.43 -4.81
CA THR A 10 6.73 3.43 -4.51
C THR A 10 6.36 4.75 -5.14
N THR A 11 6.78 5.83 -4.51
CA THR A 11 6.42 7.16 -4.97
C THR A 11 7.52 8.15 -4.62
N VAL A 12 7.65 9.19 -5.44
CA VAL A 12 8.64 10.25 -5.23
C VAL A 12 8.50 10.87 -3.84
N GLN A 13 7.35 10.66 -3.20
CA GLN A 13 7.11 11.14 -1.84
C GLN A 13 8.08 10.48 -0.86
N GLY A 14 8.67 9.36 -1.28
CA GLY A 14 9.66 8.67 -0.47
C GLY A 14 9.04 7.71 0.52
N GLN A 15 7.77 7.43 0.33
CA GLN A 15 7.01 6.62 1.27
C GLN A 15 6.58 5.29 0.66
N VAL A 16 6.77 4.22 1.41
CA VAL A 16 6.24 2.93 1.02
C VAL A 16 4.84 2.78 1.58
N TYR A 17 3.89 2.59 0.70
CA TYR A 17 2.49 2.54 1.10
C TYR A 17 1.85 1.25 0.59
N PHE A 18 1.13 0.57 1.48
CA PHE A 18 0.63 -0.76 1.17
C PHE A 18 -0.72 -0.72 0.52
N LEU A 19 -0.78 -1.28 -0.67
CA LEU A 19 -1.97 -1.26 -1.47
C LEU A 19 -2.47 -2.67 -1.76
N HIS A 20 -3.68 -2.95 -1.34
CA HIS A 20 -4.36 -4.17 -1.70
C HIS A 20 -5.74 -3.82 -2.16
N THR A 21 -5.95 -3.70 -3.45
CA THR A 21 -7.29 -3.35 -3.85
C THR A 21 -8.09 -4.61 -4.14
N GLN A 22 -8.69 -5.08 -3.07
CA GLN A 22 -9.89 -5.87 -3.07
C GLN A 22 -11.00 -4.93 -2.67
N THR A 23 -10.76 -4.37 -1.50
CA THR A 23 -11.66 -3.45 -0.83
C THR A 23 -11.24 -2.03 -1.01
N GLY A 24 -10.09 -2.02 -1.45
CA GLY A 24 -9.28 -0.83 -1.54
C GLY A 24 -8.50 -0.56 -0.26
N VAL A 25 -7.48 -1.38 -0.01
CA VAL A 25 -6.53 -1.09 1.08
C VAL A 25 -5.37 -0.25 0.62
N SER A 26 -5.22 0.87 1.30
CA SER A 26 -4.05 1.74 1.16
C SER A 26 -3.68 2.27 2.54
N THR A 27 -2.68 1.67 3.15
CA THR A 27 -2.40 1.91 4.55
C THR A 27 -0.90 1.98 4.85
N TRP A 28 -0.56 2.76 5.88
CA TRP A 28 0.81 2.88 6.33
C TRP A 28 1.28 1.61 7.02
N HIS A 29 0.37 0.92 7.68
CA HIS A 29 0.75 -0.26 8.45
C HIS A 29 0.83 -1.48 7.55
N ASP A 30 1.93 -2.20 7.64
CA ASP A 30 2.08 -3.48 6.96
C ASP A 30 0.92 -4.38 7.31
N PRO A 31 0.22 -4.92 6.31
CA PRO A 31 -0.92 -5.79 6.55
C PRO A 31 -0.52 -7.14 7.11
N ARG A 32 0.76 -7.43 7.02
CA ARG A 32 1.32 -8.59 7.66
C ARG A 32 1.38 -8.32 9.16
N ILE A 33 1.23 -7.05 9.50
CA ILE A 33 1.18 -6.62 10.89
C ILE A 33 -0.12 -5.87 11.20
N SER B 1 -6.27 4.51 -14.54
CA SER B 1 -6.50 4.01 -13.18
C SER B 1 -5.24 4.17 -12.35
N ASP B 2 -5.29 5.05 -11.36
CA ASP B 2 -4.16 5.35 -10.52
C ASP B 2 -4.60 5.49 -9.08
N PRO B 3 -3.86 4.86 -8.16
CA PRO B 3 -4.20 4.85 -6.73
C PRO B 3 -3.57 6.01 -5.99
N GLY B 4 -4.19 6.38 -4.88
CA GLY B 4 -3.74 7.52 -4.11
C GLY B 4 -2.72 7.13 -3.06
N PRO B 6 -0.69 7.73 0.76
CA PRO B 6 -1.00 8.00 2.16
C PRO B 6 -0.32 9.28 2.65
N PHE B 7 -0.95 9.97 3.58
CA PHE B 7 -0.39 11.19 4.14
C PHE B 7 -0.05 10.99 5.60
N GLN B 8 -1.08 10.82 6.41
CA GLN B 8 -0.91 10.63 7.83
C GLN B 8 -2.04 9.78 8.40
N GLU A 1 7.69 -10.02 3.64
CA GLU A 1 6.85 -11.10 3.09
C GLU A 1 5.41 -10.93 3.56
N LEU A 2 4.53 -10.58 2.63
CA LEU A 2 3.13 -10.32 2.97
C LEU A 2 2.25 -11.45 2.47
N PRO A 3 0.97 -11.44 2.84
CA PRO A 3 -0.05 -12.28 2.19
C PRO A 3 -0.32 -11.80 0.79
N GLU A 4 -1.05 -12.61 0.07
CA GLU A 4 -1.35 -12.34 -1.33
C GLU A 4 -2.28 -11.14 -1.48
N GLY A 5 -2.00 -10.32 -2.49
CA GLY A 5 -2.83 -9.16 -2.75
C GLY A 5 -2.24 -7.86 -2.23
N TYR A 6 -0.97 -7.87 -1.82
CA TYR A 6 -0.33 -6.65 -1.35
C TYR A 6 0.76 -6.17 -2.30
N GLU A 7 0.45 -5.09 -3.00
CA GLU A 7 1.38 -4.45 -3.90
C GLU A 7 2.18 -3.40 -3.14
N GLN A 8 3.49 -3.54 -3.12
CA GLN A 8 4.34 -2.55 -2.47
C GLN A 8 4.73 -1.49 -3.50
N ARG A 9 4.19 -0.29 -3.33
CA ARG A 9 4.49 0.80 -4.24
C ARG A 9 5.28 1.91 -3.61
N THR A 10 6.05 2.53 -4.46
CA THR A 10 6.88 3.67 -4.13
C THR A 10 6.39 4.87 -4.91
N THR A 11 6.57 6.05 -4.35
CA THR A 11 6.05 7.26 -4.95
C THR A 11 6.99 8.42 -4.74
N VAL A 12 6.99 9.36 -5.68
CA VAL A 12 7.82 10.57 -5.60
C VAL A 12 7.62 11.31 -4.27
N GLN A 13 6.52 11.01 -3.57
CA GLN A 13 6.23 11.59 -2.26
C GLN A 13 7.30 11.17 -1.24
N GLY A 14 8.04 10.10 -1.57
CA GLY A 14 9.12 9.63 -0.72
C GLY A 14 8.63 8.72 0.39
N GLN A 15 7.66 7.87 0.06
CA GLN A 15 7.03 7.01 1.06
C GLN A 15 6.62 5.68 0.47
N VAL A 16 6.70 4.65 1.30
CA VAL A 16 6.22 3.32 0.93
C VAL A 16 4.78 3.15 1.41
N TYR A 17 3.95 2.55 0.59
CA TYR A 17 2.56 2.35 0.96
C TYR A 17 2.04 1.03 0.39
N PHE A 18 1.29 0.29 1.21
CA PHE A 18 0.83 -1.04 0.83
C PHE A 18 -0.53 -1.00 0.17
N LEU A 19 -0.58 -1.50 -1.06
CA LEU A 19 -1.81 -1.55 -1.83
C LEU A 19 -2.40 -2.94 -1.88
N HIS A 20 -3.51 -3.11 -1.20
CA HIS A 20 -4.34 -4.28 -1.38
C HIS A 20 -5.67 -3.81 -1.93
N THR A 21 -5.80 -3.74 -3.23
CA THR A 21 -7.06 -3.28 -3.73
C THR A 21 -7.99 -4.46 -3.95
N GLN A 22 -8.70 -4.79 -2.88
CA GLN A 22 -10.01 -5.37 -2.93
C GLN A 22 -10.97 -4.24 -2.65
N THR A 23 -10.66 -3.57 -1.53
CA THR A 23 -11.43 -2.45 -1.03
C THR A 23 -10.81 -1.15 -1.39
N GLY A 24 -9.65 -1.36 -1.78
CA GLY A 24 -8.67 -0.32 -2.01
C GLY A 24 -7.91 0.05 -0.74
N VAL A 25 -6.98 -0.82 -0.35
CA VAL A 25 -6.13 -0.54 0.80
C VAL A 25 -4.86 0.20 0.40
N SER A 26 -4.68 1.34 1.02
CA SER A 26 -3.44 2.10 0.94
C SER A 26 -3.08 2.56 2.34
N THR A 27 -2.17 1.85 2.97
CA THR A 27 -1.88 2.09 4.37
C THR A 27 -0.38 2.10 4.66
N TRP A 28 -0.01 2.87 5.67
CA TRP A 28 1.37 2.95 6.13
C TRP A 28 1.83 1.63 6.75
N HIS A 29 0.91 0.95 7.41
CA HIS A 29 1.27 -0.23 8.17
C HIS A 29 1.37 -1.43 7.26
N ASP A 30 2.47 -2.16 7.39
CA ASP A 30 2.63 -3.43 6.71
C ASP A 30 1.43 -4.31 7.02
N PRO A 31 0.84 -4.95 6.00
CA PRO A 31 -0.39 -5.70 6.18
C PRO A 31 -0.23 -7.00 6.94
N ARG A 32 1.00 -7.45 7.07
CA ARG A 32 1.27 -8.61 7.87
C ARG A 32 1.34 -8.20 9.33
N ILE A 33 1.27 -6.90 9.52
CA ILE A 33 1.26 -6.32 10.86
C ILE A 33 -0.10 -6.52 11.50
N SER B 1 -6.19 3.62 -13.94
CA SER B 1 -5.53 2.85 -12.89
C SER B 1 -4.47 3.70 -12.19
N ASP B 2 -4.84 4.27 -11.06
CA ASP B 2 -3.94 5.11 -10.29
C ASP B 2 -4.28 5.02 -8.81
N PRO B 3 -3.28 4.76 -7.96
CA PRO B 3 -3.48 4.55 -6.54
C PRO B 3 -3.40 5.85 -5.74
N GLY B 4 -4.03 5.84 -4.57
CA GLY B 4 -3.99 6.99 -3.70
C GLY B 4 -2.82 6.92 -2.75
N PRO B 6 -0.72 7.81 0.99
CA PRO B 6 -0.94 7.80 2.45
C PRO B 6 -0.70 9.17 3.07
N PHE B 7 -1.50 9.49 4.07
CA PHE B 7 -1.41 10.79 4.74
C PHE B 7 -0.90 10.60 6.16
N GLN B 8 -1.82 10.41 7.09
CA GLN B 8 -1.47 10.25 8.50
C GLN B 8 -1.60 8.79 8.92
N GLU A 1 7.75 -9.51 4.47
CA GLU A 1 7.09 -9.73 3.17
C GLU A 1 5.60 -9.98 3.38
N LEU A 2 4.81 -9.53 2.42
CA LEU A 2 3.36 -9.53 2.57
C LEU A 2 2.77 -10.83 2.07
N PRO A 3 1.54 -11.11 2.49
CA PRO A 3 0.67 -12.10 1.84
C PRO A 3 0.24 -11.59 0.49
N GLU A 4 -0.37 -12.47 -0.25
CA GLU A 4 -0.76 -12.14 -1.62
C GLU A 4 -1.88 -11.12 -1.67
N GLY A 5 -1.81 -10.27 -2.68
CA GLY A 5 -2.79 -9.22 -2.88
C GLY A 5 -2.32 -7.86 -2.40
N TYR A 6 -1.04 -7.74 -2.07
CA TYR A 6 -0.50 -6.47 -1.64
C TYR A 6 0.57 -5.97 -2.61
N GLU A 7 0.36 -4.79 -3.14
CA GLU A 7 1.37 -4.11 -3.93
C GLU A 7 2.21 -3.24 -3.03
N GLN A 8 3.52 -3.46 -3.05
CA GLN A 8 4.44 -2.61 -2.32
C GLN A 8 4.90 -1.49 -3.24
N ARG A 9 4.30 -0.33 -3.09
CA ARG A 9 4.60 0.79 -3.97
C ARG A 9 5.50 1.80 -3.31
N THR A 10 6.28 2.43 -4.15
CA THR A 10 7.27 3.40 -3.73
C THR A 10 7.10 4.68 -4.55
N THR A 11 6.40 5.63 -3.96
CA THR A 11 6.07 6.87 -4.64
C THR A 11 7.09 7.95 -4.32
N VAL A 12 7.27 8.88 -5.27
CA VAL A 12 8.16 10.03 -5.11
C VAL A 12 7.89 10.80 -3.81
N GLN A 13 6.72 10.58 -3.24
CA GLN A 13 6.37 11.14 -1.93
C GLN A 13 7.40 10.70 -0.87
N GLY A 14 8.12 9.62 -1.17
CA GLY A 14 9.19 9.18 -0.31
C GLY A 14 8.73 8.20 0.76
N GLN A 15 7.51 7.72 0.63
CA GLN A 15 6.94 6.84 1.63
C GLN A 15 6.38 5.58 0.97
N VAL A 16 6.55 4.45 1.64
CA VAL A 16 6.03 3.19 1.14
C VAL A 16 4.62 2.96 1.66
N TYR A 17 3.73 2.54 0.77
CA TYR A 17 2.35 2.33 1.15
C TYR A 17 1.87 1.00 0.58
N PHE A 18 1.17 0.23 1.41
CA PHE A 18 0.73 -1.10 1.02
C PHE A 18 -0.64 -1.06 0.38
N LEU A 19 -0.71 -1.62 -0.82
CA LEU A 19 -1.91 -1.54 -1.63
C LEU A 19 -2.55 -2.90 -1.82
N HIS A 20 -3.69 -3.09 -1.19
CA HIS A 20 -4.53 -4.23 -1.48
C HIS A 20 -5.88 -3.72 -1.95
N THR A 21 -6.05 -3.51 -3.24
CA THR A 21 -7.34 -3.01 -3.62
C THR A 21 -8.26 -4.15 -4.04
N GLN A 22 -8.93 -4.66 -3.04
CA GLN A 22 -10.24 -5.24 -3.15
C GLN A 22 -11.21 -4.19 -2.65
N THR A 23 -10.87 -3.72 -1.45
CA THR A 23 -11.63 -2.72 -0.73
C THR A 23 -11.08 -1.36 -0.94
N GLY A 24 -9.96 -1.47 -1.47
CA GLY A 24 -9.06 -0.36 -1.69
C GLY A 24 -8.21 -0.05 -0.48
N VAL A 25 -7.23 -0.91 -0.21
CA VAL A 25 -6.31 -0.65 0.90
C VAL A 25 -5.10 0.14 0.46
N SER A 26 -4.94 1.26 1.13
CA SER A 26 -3.74 2.09 1.01
C SER A 26 -3.33 2.48 2.42
N THR A 27 -2.35 1.79 2.95
CA THR A 27 -2.06 1.87 4.37
C THR A 27 -0.57 1.99 4.67
N TRP A 28 -0.28 2.67 5.78
CA TRP A 28 1.10 2.84 6.24
C TRP A 28 1.62 1.60 6.94
N HIS A 29 0.72 0.76 7.45
CA HIS A 29 1.13 -0.41 8.19
C HIS A 29 1.24 -1.63 7.27
N ASP A 30 2.33 -2.35 7.42
CA ASP A 30 2.48 -3.64 6.75
C ASP A 30 1.32 -4.54 7.15
N PRO A 31 0.55 -5.07 6.20
CA PRO A 31 -0.63 -5.87 6.50
C PRO A 31 -0.30 -7.22 7.13
N ARG A 32 0.96 -7.59 7.04
CA ARG A 32 1.44 -8.78 7.70
C ARG A 32 1.61 -8.46 9.18
N ILE A 33 1.50 -7.18 9.48
CA ILE A 33 1.57 -6.69 10.85
C ILE A 33 0.40 -5.75 11.16
N SER B 1 -6.03 3.93 -14.48
CA SER B 1 -6.29 3.37 -13.15
C SER B 1 -5.05 3.55 -12.27
N ASP B 2 -5.16 4.42 -11.28
CA ASP B 2 -4.03 4.78 -10.46
C ASP B 2 -4.37 4.68 -8.98
N PRO B 3 -3.38 4.37 -8.14
CA PRO B 3 -3.57 4.24 -6.70
C PRO B 3 -3.36 5.56 -5.98
N GLY B 4 -4.03 5.70 -4.86
CA GLY B 4 -3.92 6.91 -4.07
C GLY B 4 -2.81 6.82 -3.07
N PRO B 6 -0.93 7.75 0.75
CA PRO B 6 -1.27 7.78 2.17
C PRO B 6 -1.02 9.15 2.78
N PHE B 7 -1.93 9.59 3.63
CA PHE B 7 -1.83 10.90 4.26
C PHE B 7 -1.29 10.76 5.67
N GLN B 8 -0.25 11.51 5.98
CA GLN B 8 0.33 11.51 7.32
C GLN B 8 -0.48 12.41 8.25
N GLU A 1 7.42 -10.82 1.70
CA GLU A 1 6.94 -11.90 2.59
C GLU A 1 5.59 -11.55 3.21
N LEU A 2 4.75 -10.92 2.41
CA LEU A 2 3.43 -10.50 2.89
C LEU A 2 2.37 -11.45 2.32
N PRO A 3 1.11 -11.34 2.78
CA PRO A 3 0.01 -12.06 2.17
C PRO A 3 -0.29 -11.50 0.78
N GLU A 4 -1.04 -12.26 0.03
CA GLU A 4 -1.33 -11.94 -1.36
C GLU A 4 -2.26 -10.72 -1.47
N GLY A 5 -2.11 -9.99 -2.57
CA GLY A 5 -2.97 -8.86 -2.84
C GLY A 5 -2.35 -7.52 -2.49
N TYR A 6 -1.18 -7.53 -1.86
CA TYR A 6 -0.52 -6.29 -1.51
C TYR A 6 0.62 -6.00 -2.47
N GLU A 7 0.47 -4.94 -3.23
CA GLU A 7 1.57 -4.46 -4.05
C GLU A 7 2.31 -3.38 -3.29
N GLN A 8 3.63 -3.49 -3.25
CA GLN A 8 4.44 -2.51 -2.57
C GLN A 8 4.80 -1.42 -3.55
N ARG A 9 4.20 -0.27 -3.38
CA ARG A 9 4.38 0.82 -4.31
C ARG A 9 5.35 1.86 -3.79
N THR A 10 6.01 2.47 -4.74
CA THR A 10 7.02 3.47 -4.49
C THR A 10 6.61 4.75 -5.21
N THR A 11 6.83 5.89 -4.59
CA THR A 11 6.26 7.12 -5.09
C THR A 11 7.24 8.28 -4.93
N VAL A 12 7.12 9.24 -5.85
CA VAL A 12 7.86 10.50 -5.77
C VAL A 12 7.56 11.18 -4.43
N GLN A 13 6.41 10.83 -3.87
CA GLN A 13 6.02 11.26 -2.53
C GLN A 13 7.13 10.95 -1.53
N GLY A 14 7.82 9.83 -1.74
CA GLY A 14 8.95 9.48 -0.90
C GLY A 14 8.62 8.40 0.12
N GLN A 15 7.33 8.17 0.32
CA GLN A 15 6.86 7.27 1.36
C GLN A 15 6.58 5.88 0.79
N VAL A 16 6.79 4.85 1.61
CA VAL A 16 6.44 3.48 1.24
C VAL A 16 5.01 3.18 1.69
N TYR A 17 4.21 2.65 0.78
CA TYR A 17 2.81 2.43 1.11
C TYR A 17 2.29 1.12 0.48
N PHE A 18 1.51 0.39 1.26
CA PHE A 18 0.98 -0.90 0.86
C PHE A 18 -0.42 -0.75 0.31
N LEU A 19 -0.63 -1.23 -0.92
CA LEU A 19 -1.91 -1.10 -1.54
C LEU A 19 -2.48 -2.45 -1.96
N HIS A 20 -3.50 -2.87 -1.25
CA HIS A 20 -4.31 -4.01 -1.64
C HIS A 20 -5.66 -3.51 -2.08
N THR A 21 -5.85 -3.27 -3.35
CA THR A 21 -7.16 -2.80 -3.72
C THR A 21 -8.05 -3.97 -4.12
N GLN A 22 -8.69 -4.51 -3.12
CA GLN A 22 -9.97 -5.17 -3.23
C GLN A 22 -11.00 -4.18 -2.73
N THR A 23 -10.69 -3.69 -1.52
CA THR A 23 -11.51 -2.74 -0.81
C THR A 23 -10.99 -1.36 -0.94
N GLY A 24 -9.83 -1.40 -1.39
CA GLY A 24 -8.95 -0.26 -1.48
C GLY A 24 -8.12 -0.05 -0.23
N VAL A 25 -7.11 -0.90 -0.03
CA VAL A 25 -6.17 -0.70 1.07
C VAL A 25 -5.00 0.16 0.64
N SER A 26 -4.78 1.20 1.42
CA SER A 26 -3.58 2.02 1.35
C SER A 26 -3.31 2.56 2.74
N THR A 27 -2.48 1.87 3.48
CA THR A 27 -2.31 2.13 4.89
C THR A 27 -0.85 2.14 5.29
N TRP A 28 -0.53 2.93 6.30
CA TRP A 28 0.84 3.11 6.76
C TRP A 28 1.41 1.86 7.44
N HIS A 29 0.55 0.94 7.85
CA HIS A 29 1.03 -0.27 8.51
C HIS A 29 1.15 -1.40 7.50
N ASP A 30 2.28 -2.10 7.52
CA ASP A 30 2.43 -3.31 6.73
C ASP A 30 1.33 -4.27 7.14
N PRO A 31 0.61 -4.86 6.19
CA PRO A 31 -0.52 -5.72 6.50
C PRO A 31 -0.12 -7.03 7.13
N ARG A 32 1.15 -7.35 7.04
CA ARG A 32 1.67 -8.51 7.72
C ARG A 32 1.90 -8.16 9.18
N ILE A 33 1.73 -6.88 9.46
CA ILE A 33 1.79 -6.36 10.82
C ILE A 33 0.54 -5.54 11.15
N SER B 1 -6.34 3.25 -12.73
CA SER B 1 -4.97 2.77 -13.03
C SER B 1 -3.97 3.39 -12.06
N ASP B 2 -4.45 4.21 -11.13
CA ASP B 2 -3.58 4.89 -10.19
C ASP B 2 -4.20 4.93 -8.80
N PRO B 3 -3.47 4.39 -7.82
CA PRO B 3 -3.86 4.40 -6.42
C PRO B 3 -3.35 5.63 -5.69
N GLY B 4 -3.97 5.96 -4.57
CA GLY B 4 -3.61 7.16 -3.85
C GLY B 4 -2.51 6.93 -2.83
N PRO B 6 -0.55 7.77 0.96
CA PRO B 6 -0.94 7.80 2.38
C PRO B 6 -0.64 9.14 3.01
N PHE B 7 -1.61 9.68 3.74
CA PHE B 7 -1.41 10.92 4.46
C PHE B 7 -1.39 10.64 5.95
N GLN B 8 -2.26 9.73 6.37
CA GLN B 8 -2.33 9.28 7.76
C GLN B 8 -3.38 8.19 7.88
N GLU A 1 7.76 -9.98 4.22
CA GLU A 1 6.99 -10.53 3.08
C GLU A 1 5.50 -10.41 3.36
N LEU A 2 4.74 -9.97 2.37
CA LEU A 2 3.31 -9.75 2.56
C LEU A 2 2.54 -10.98 2.11
N PRO A 3 1.32 -11.12 2.62
CA PRO A 3 0.35 -12.06 2.08
C PRO A 3 -0.13 -11.59 0.72
N GLU A 4 -0.90 -12.43 0.11
CA GLU A 4 -1.35 -12.22 -1.25
C GLU A 4 -2.32 -11.05 -1.35
N GLY A 5 -2.20 -10.30 -2.44
CA GLY A 5 -3.10 -9.19 -2.70
C GLY A 5 -2.53 -7.82 -2.35
N TYR A 6 -1.27 -7.78 -1.91
CA TYR A 6 -0.65 -6.50 -1.57
C TYR A 6 0.44 -6.14 -2.57
N GLU A 7 0.33 -4.96 -3.16
CA GLU A 7 1.39 -4.41 -3.97
C GLU A 7 2.05 -3.25 -3.23
N GLN A 8 3.35 -3.33 -3.03
CA GLN A 8 4.06 -2.30 -2.29
C GLN A 8 4.53 -1.24 -3.27
N ARG A 9 3.89 -0.09 -3.23
CA ARG A 9 4.23 0.98 -4.16
C ARG A 9 5.13 2.01 -3.52
N THR A 10 5.95 2.57 -4.37
CA THR A 10 6.88 3.60 -3.99
C THR A 10 6.54 4.87 -4.75
N THR A 11 6.74 6.00 -4.13
CA THR A 11 6.31 7.26 -4.68
C THR A 11 7.29 8.37 -4.36
N VAL A 12 7.37 9.35 -5.25
CA VAL A 12 8.23 10.52 -5.09
C VAL A 12 7.99 11.21 -3.75
N GLN A 13 6.83 10.94 -3.16
CA GLN A 13 6.48 11.45 -1.83
C GLN A 13 7.50 10.99 -0.79
N GLY A 14 8.23 9.92 -1.12
CA GLY A 14 9.28 9.43 -0.23
C GLY A 14 8.74 8.51 0.85
N GLN A 15 7.62 7.86 0.57
CA GLN A 15 6.94 7.04 1.56
C GLN A 15 6.57 5.70 0.99
N VAL A 16 6.75 4.64 1.77
CA VAL A 16 6.29 3.31 1.38
C VAL A 16 4.86 3.10 1.86
N TYR A 17 3.97 2.79 0.93
CA TYR A 17 2.57 2.66 1.25
C TYR A 17 2.03 1.34 0.68
N PHE A 18 1.28 0.62 1.51
CA PHE A 18 0.79 -0.71 1.13
C PHE A 18 -0.56 -0.63 0.45
N LEU A 19 -0.63 -1.25 -0.71
CA LEU A 19 -1.82 -1.20 -1.54
C LEU A 19 -2.41 -2.59 -1.73
N HIS A 20 -3.67 -2.73 -1.41
CA HIS A 20 -4.42 -3.94 -1.67
C HIS A 20 -5.80 -3.57 -2.13
N THR A 21 -6.02 -3.45 -3.42
CA THR A 21 -7.34 -3.09 -3.83
C THR A 21 -8.09 -4.29 -4.37
N GLN A 22 -8.71 -4.96 -3.43
CA GLN A 22 -9.96 -5.65 -3.62
C GLN A 22 -11.02 -4.74 -3.03
N THR A 23 -10.74 -4.38 -1.78
CA THR A 23 -11.61 -3.58 -0.96
C THR A 23 -11.20 -2.14 -0.97
N GLY A 24 -10.07 -2.06 -1.46
CA GLY A 24 -9.30 -0.83 -1.53
C GLY A 24 -8.52 -0.51 -0.26
N VAL A 25 -7.46 -1.28 0.01
CA VAL A 25 -6.53 -0.96 1.08
C VAL A 25 -5.40 -0.06 0.61
N SER A 26 -5.20 1.00 1.36
CA SER A 26 -4.05 1.89 1.18
C SER A 26 -3.61 2.36 2.56
N THR A 27 -2.53 1.79 3.07
CA THR A 27 -2.16 1.99 4.46
C THR A 27 -0.65 1.94 4.66
N TRP A 28 -0.17 2.66 5.66
CA TRP A 28 1.25 2.68 6.00
C TRP A 28 1.65 1.36 6.66
N HIS A 29 0.77 0.81 7.48
CA HIS A 29 1.11 -0.38 8.25
C HIS A 29 1.16 -1.59 7.34
N ASP A 30 2.28 -2.29 7.40
CA ASP A 30 2.42 -3.56 6.70
C ASP A 30 1.28 -4.46 7.12
N PRO A 31 0.51 -5.00 6.18
CA PRO A 31 -0.64 -5.84 6.51
C PRO A 31 -0.24 -7.17 7.11
N ARG A 32 1.03 -7.49 6.97
CA ARG A 32 1.60 -8.65 7.61
C ARG A 32 1.81 -8.34 9.08
N ILE A 33 1.68 -7.07 9.40
CA ILE A 33 1.83 -6.60 10.78
C ILE A 33 0.60 -5.82 11.26
N SER B 1 -6.43 2.77 -12.69
CA SER B 1 -4.96 2.73 -12.86
C SER B 1 -4.28 3.73 -11.92
N ASP B 2 -5.08 4.50 -11.21
CA ASP B 2 -4.55 5.51 -10.30
C ASP B 2 -4.84 5.14 -8.85
N PRO B 3 -3.81 4.77 -8.09
CA PRO B 3 -3.94 4.47 -6.68
C PRO B 3 -3.75 5.70 -5.80
N GLY B 4 -4.45 5.73 -4.68
CA GLY B 4 -4.30 6.84 -3.77
C GLY B 4 -3.22 6.58 -2.76
N PRO B 6 -0.87 7.55 0.74
CA PRO B 6 -1.08 7.96 2.11
C PRO B 6 -0.32 9.26 2.41
N PHE B 7 -0.92 10.10 3.24
CA PHE B 7 -0.31 11.38 3.57
C PHE B 7 0.30 11.35 4.95
N GLN B 8 -0.46 10.82 5.91
CA GLN B 8 0.01 10.66 7.27
C GLN B 8 -1.07 9.97 8.11
#